data_7K0X
#
_entry.id   7K0X
#
_cell.length_a   71.925
_cell.length_b   87.112
_cell.length_c   214.408
_cell.angle_alpha   90.000
_cell.angle_beta   90.000
_cell.angle_gamma   90.000
#
_symmetry.space_group_name_H-M   'P 21 21 21'
#
loop_
_entity.id
_entity.type
_entity.pdbx_description
1 polymer 'T cell receptor mu chain'
2 polymer 'T cell receptor gamma chain'
3 branched beta-D-mannopyranose-(1-4)-2-acetamido-2-deoxy-beta-D-glucopyranose-(1-4)-2-acetamido-2-deoxy-beta-D-glucopyranose
4 non-polymer 2-acetamido-2-deoxy-beta-D-glucopyranose
#
loop_
_entity_poly.entity_id
_entity_poly.type
_entity_poly.pdbx_seq_one_letter_code
_entity_poly.pdbx_strand_id
1 'polypeptide(L)'
;ETGGSWAQVKLLESGGKVTHEGQSVTLTCKASGFNFKDYDMSWHWSPSGSNRQLVASISSKTGSKTEYKPRIQGRAYITR
NNEANTVSLTLIQLRKEDSGIYYCAKLENVGGLSRYIIREQWGNFGPGTKLTVLPLEKTLLTESGGGTYQAGKTLSLKCQ
TSGFQFKTSQLDWYLWTPGHAPLWLTGLNSSSTDATEGRITSSREDNKNQIFLQIEDLGLRDSGQYHCARRVGNGDDTDK
LVFGLGTRVIVEPRPQAPLSPSVFLVRDQNAVACLIRNFYPKELHVSLTSSGTLISAQNLTLAPMATGTYSAIHIGRVGE
NDAITCSVKHLEKEIHMSHQAGSLVPR
;
C,A
2 'polypeptide(L)'
;ETGVALEQRPISITRNAKQSASLNCKILNPVSDYVHWYRSQEGRAPERLLVYSRSKSESVPDPGFSADKVRAYKGADDTC
RLIVSDLQVSDSGVYHCASWDGRVKVFGEGTRLIVTESAFKKKPPKPIFFLPTSEEIKQKQSGTYICLLEDFFPNVVKTY
WKEDGNSQPLDAQFGPITGGGNSYSQVSWLTVKEDVLRKNLTYFYQHEDLGMEPKAFSISSVREKGSLVPR
;
D,B
#
loop_
_chem_comp.id
_chem_comp.type
_chem_comp.name
_chem_comp.formula
BMA D-saccharide, beta linking beta-D-mannopyranose 'C6 H12 O6'
NAG D-saccharide, beta linking 2-acetamido-2-deoxy-beta-D-glucopyranose 'C8 H15 N O6'
#
# COMPACT_ATOMS: atom_id res chain seq x y z
N VAL A 9 -18.43 -44.03 29.13
CA VAL A 9 -18.83 -44.42 27.78
C VAL A 9 -18.08 -43.57 26.76
N LYS A 10 -18.63 -42.40 26.45
CA LYS A 10 -18.07 -41.54 25.42
C LYS A 10 -18.13 -40.10 25.93
N LEU A 11 -16.99 -39.54 26.29
CA LEU A 11 -16.87 -38.14 26.69
C LEU A 11 -16.00 -37.44 25.67
N LEU A 12 -16.53 -36.39 25.06
CA LEU A 12 -15.79 -35.62 24.06
C LEU A 12 -15.80 -34.16 24.50
N GLU A 13 -14.64 -33.68 24.96
CA GLU A 13 -14.50 -32.27 25.28
C GLU A 13 -14.17 -31.51 24.01
N SER A 14 -14.79 -30.34 23.84
CA SER A 14 -14.63 -29.56 22.62
C SER A 14 -14.58 -28.08 22.99
N GLY A 15 -13.37 -27.59 23.19
CA GLY A 15 -13.14 -26.18 23.44
C GLY A 15 -11.69 -25.88 23.18
N GLY A 16 -11.23 -24.78 23.74
CA GLY A 16 -9.82 -24.46 23.64
C GLY A 16 -9.42 -23.94 22.27
N LYS A 17 -8.51 -22.96 22.26
CA LYS A 17 -8.09 -22.33 21.02
C LYS A 17 -6.75 -21.64 21.27
N VAL A 18 -6.26 -20.95 20.25
CA VAL A 18 -5.04 -20.15 20.35
C VAL A 18 -5.47 -18.72 20.67
N THR A 19 -5.39 -18.34 21.94
CA THR A 19 -5.69 -16.98 22.37
C THR A 19 -4.48 -16.36 23.05
N HIS A 20 -4.65 -15.12 23.50
CA HIS A 20 -3.58 -14.36 24.13
C HIS A 20 -3.90 -14.10 25.60
N GLU A 21 -2.84 -13.85 26.37
CA GLU A 21 -2.97 -13.63 27.80
C GLU A 21 -3.92 -12.47 28.07
N GLY A 22 -4.99 -12.73 28.81
CA GLY A 22 -5.98 -11.72 29.10
C GLY A 22 -7.18 -11.81 28.18
N GLN A 23 -7.59 -13.03 27.90
CA GLN A 23 -8.71 -13.34 27.02
C GLN A 23 -9.71 -14.18 27.80
N SER A 24 -10.72 -14.68 27.08
CA SER A 24 -11.73 -15.53 27.69
C SER A 24 -11.85 -16.78 26.83
N VAL A 25 -12.13 -17.90 27.48
CA VAL A 25 -12.29 -19.17 26.80
C VAL A 25 -13.39 -19.94 27.51
N THR A 26 -14.18 -20.67 26.72
CA THR A 26 -15.29 -21.45 27.24
C THR A 26 -15.16 -22.86 26.70
N LEU A 27 -14.98 -23.83 27.60
CA LEU A 27 -14.72 -25.20 27.22
C LEU A 27 -16.01 -25.99 27.35
N THR A 28 -16.30 -26.82 26.35
CA THR A 28 -17.50 -27.63 26.32
C THR A 28 -17.11 -29.10 26.36
N CYS A 29 -18.05 -29.93 26.82
CA CYS A 29 -17.82 -31.35 26.94
C CYS A 29 -19.14 -32.07 26.69
N LYS A 30 -19.22 -32.85 25.62
CA LYS A 30 -20.44 -33.58 25.30
C LYS A 30 -20.37 -34.95 25.97
N ALA A 31 -21.37 -35.22 26.81
CA ALA A 31 -21.45 -36.48 27.55
C ALA A 31 -22.58 -37.30 26.95
N SER A 32 -22.26 -38.49 26.47
CA SER A 32 -23.22 -39.36 25.82
C SER A 32 -23.14 -40.76 26.39
N GLY A 33 -24.29 -41.37 26.64
CA GLY A 33 -24.37 -42.78 26.94
C GLY A 33 -24.78 -43.16 28.35
N PHE A 34 -25.15 -42.21 29.19
CA PHE A 34 -25.58 -42.54 30.54
C PHE A 34 -26.52 -41.45 31.06
N ASN A 35 -27.16 -41.76 32.19
CA ASN A 35 -28.13 -40.86 32.82
C ASN A 35 -27.40 -39.66 33.40
N PHE A 36 -27.52 -38.53 32.69
CA PHE A 36 -26.75 -37.33 33.01
C PHE A 36 -27.05 -36.80 34.41
N LYS A 37 -28.28 -36.95 34.88
CA LYS A 37 -28.70 -36.33 36.13
C LYS A 37 -27.97 -36.92 37.33
N ASP A 38 -27.92 -38.25 37.42
CA ASP A 38 -27.48 -38.90 38.66
C ASP A 38 -26.03 -38.57 39.01
N TYR A 39 -25.16 -38.48 38.01
CA TYR A 39 -23.73 -38.38 38.25
C TYR A 39 -23.23 -36.94 38.14
N ASP A 40 -22.18 -36.63 38.90
CA ASP A 40 -21.54 -35.33 38.88
C ASP A 40 -20.43 -35.29 37.84
N MET A 41 -20.17 -34.09 37.34
CA MET A 41 -19.15 -33.86 36.33
C MET A 41 -18.01 -33.01 36.90
N SER A 42 -16.90 -32.99 36.18
CA SER A 42 -15.74 -32.24 36.61
C SER A 42 -14.86 -31.91 35.42
N TRP A 43 -13.98 -30.94 35.62
CA TRP A 43 -12.99 -30.55 34.62
C TRP A 43 -11.61 -30.72 35.22
N HIS A 44 -10.69 -31.25 34.42
CA HIS A 44 -9.31 -31.42 34.85
C HIS A 44 -8.38 -30.66 33.93
N TRP A 45 -7.15 -30.47 34.39
CA TRP A 45 -6.16 -29.73 33.62
C TRP A 45 -4.81 -30.38 33.81
N SER A 46 -4.09 -30.55 32.70
CA SER A 46 -2.75 -31.12 32.68
C SER A 46 -1.85 -30.19 31.87
N PRO A 47 -0.66 -29.84 32.37
CA PRO A 47 0.20 -28.90 31.65
C PRO A 47 0.53 -29.38 30.24
N SER A 48 1.16 -30.54 30.10
CA SER A 48 1.38 -31.04 28.75
C SER A 48 0.94 -32.48 28.56
N GLY A 49 1.18 -33.34 29.54
CA GLY A 49 0.81 -34.74 29.43
C GLY A 49 -0.13 -35.19 30.52
N SER A 50 0.40 -36.01 31.42
CA SER A 50 -0.33 -36.57 32.56
C SER A 50 -0.28 -35.61 33.75
N ASN A 51 -0.56 -36.14 34.94
CA ASN A 51 -0.65 -35.38 36.20
C ASN A 51 -1.90 -34.51 36.20
N ARG A 52 -3.01 -35.10 35.77
CA ARG A 52 -4.28 -34.38 35.73
C ARG A 52 -4.63 -33.90 37.13
N GLN A 53 -5.02 -32.63 37.24
CA GLN A 53 -5.44 -32.05 38.51
C GLN A 53 -6.91 -31.67 38.45
N LEU A 54 -7.63 -31.95 39.52
CA LEU A 54 -9.02 -31.56 39.62
C LEU A 54 -9.10 -30.06 39.84
N VAL A 55 -9.59 -29.33 38.84
CA VAL A 55 -9.69 -27.89 38.92
C VAL A 55 -11.12 -27.40 39.11
N ALA A 56 -12.11 -28.17 38.65
CA ALA A 56 -13.51 -27.78 38.83
C ALA A 56 -14.37 -29.03 38.86
N SER A 57 -15.47 -28.96 39.60
CA SER A 57 -16.40 -30.07 39.71
C SER A 57 -17.80 -29.52 39.90
N ILE A 58 -18.76 -30.07 39.17
CA ILE A 58 -20.15 -29.64 39.26
C ILE A 58 -20.99 -30.81 39.76
N SER A 59 -22.06 -30.47 40.48
CA SER A 59 -22.93 -31.46 41.11
C SER A 59 -23.99 -31.95 40.13
N SER A 60 -24.88 -32.80 40.63
CA SER A 60 -25.82 -33.57 39.82
C SER A 60 -27.03 -32.76 39.36
N LYS A 61 -27.28 -32.77 38.05
CA LYS A 61 -28.50 -32.23 37.43
C LYS A 61 -28.66 -30.73 37.73
N THR A 62 -27.73 -29.96 37.16
CA THR A 62 -27.63 -28.52 37.38
C THR A 62 -27.54 -28.26 38.87
N GLY A 63 -26.54 -28.89 39.48
CA GLY A 63 -26.51 -29.03 40.91
C GLY A 63 -26.28 -27.72 41.63
N SER A 64 -26.09 -27.86 42.95
CA SER A 64 -25.86 -26.74 43.85
C SER A 64 -24.44 -26.68 44.37
N LYS A 65 -23.66 -27.73 44.21
CA LYS A 65 -22.30 -27.79 44.73
C LYS A 65 -21.32 -27.77 43.58
N THR A 66 -20.85 -26.57 43.25
CA THR A 66 -19.82 -26.39 42.24
C THR A 66 -18.62 -25.82 42.99
N GLU A 67 -17.53 -26.58 43.01
CA GLU A 67 -16.36 -26.25 43.79
C GLU A 67 -15.17 -26.09 42.87
N TYR A 68 -14.47 -24.96 42.99
CA TYR A 68 -13.30 -24.70 42.17
C TYR A 68 -12.04 -24.87 43.00
N LYS A 69 -10.93 -24.98 42.30
CA LYS A 69 -9.62 -25.08 42.91
C LYS A 69 -9.01 -23.69 43.03
N PRO A 70 -8.07 -23.50 43.96
CA PRO A 70 -7.47 -22.16 44.11
C PRO A 70 -6.76 -21.66 42.87
N ARG A 71 -6.57 -22.50 41.85
CA ARG A 71 -5.91 -22.04 40.64
C ARG A 71 -6.80 -21.12 39.81
N ILE A 72 -8.11 -21.38 39.79
CA ILE A 72 -9.02 -20.59 38.96
C ILE A 72 -10.25 -20.13 39.75
N GLN A 73 -10.11 -20.03 41.07
CA GLN A 73 -11.27 -19.82 41.94
C GLN A 73 -12.11 -18.62 41.52
N GLY A 74 -11.47 -17.49 41.25
CA GLY A 74 -12.20 -16.27 41.01
C GLY A 74 -12.39 -15.91 39.55
N ARG A 75 -11.98 -16.78 38.62
CA ARG A 75 -12.12 -16.51 37.20
C ARG A 75 -12.73 -17.70 36.46
N ALA A 76 -13.39 -18.61 37.16
CA ALA A 76 -13.98 -19.78 36.54
C ALA A 76 -15.46 -19.85 36.85
N TYR A 77 -16.20 -20.51 35.97
CA TYR A 77 -17.63 -20.73 36.13
C TYR A 77 -18.00 -21.98 35.38
N ILE A 78 -18.44 -23.01 36.10
CA ILE A 78 -18.79 -24.29 35.49
C ILE A 78 -20.31 -24.41 35.46
N THR A 79 -20.83 -24.87 34.32
CA THR A 79 -22.25 -25.06 34.13
C THR A 79 -22.47 -26.29 33.25
N ARG A 80 -23.68 -26.80 33.28
CA ARG A 80 -24.02 -27.99 32.51
C ARG A 80 -25.35 -27.79 31.78
N ASN A 81 -25.38 -28.25 30.54
CA ASN A 81 -26.57 -28.26 29.71
C ASN A 81 -27.06 -29.70 29.66
N ASN A 82 -28.27 -29.92 30.17
CA ASN A 82 -28.77 -31.28 30.33
C ASN A 82 -29.01 -31.97 28.99
N GLU A 83 -28.94 -31.22 27.88
CA GLU A 83 -28.95 -31.82 26.55
C GLU A 83 -27.55 -32.27 26.16
N ALA A 84 -26.91 -33.08 27.01
CA ALA A 84 -25.61 -33.71 26.74
C ALA A 84 -24.50 -32.67 26.55
N ASN A 85 -24.25 -31.89 27.61
CA ASN A 85 -23.20 -30.88 27.53
C ASN A 85 -22.83 -30.37 28.93
N THR A 86 -21.54 -30.09 29.12
CA THR A 86 -21.01 -29.48 30.34
C THR A 86 -20.07 -28.38 29.91
N VAL A 87 -20.19 -27.20 30.51
CA VAL A 87 -19.44 -26.03 30.12
C VAL A 87 -18.62 -25.49 31.29
N SER A 88 -17.34 -25.19 31.02
CA SER A 88 -16.46 -24.53 31.97
C SER A 88 -15.83 -23.36 31.23
N LEU A 89 -15.83 -22.18 31.85
CA LEU A 89 -15.32 -20.98 31.21
C LEU A 89 -14.37 -20.24 32.13
N THR A 90 -13.22 -19.83 31.59
CA THR A 90 -12.24 -19.06 32.35
C THR A 90 -12.34 -17.60 31.92
N LEU A 91 -12.14 -16.71 32.88
CA LEU A 91 -12.42 -15.29 32.69
C LEU A 91 -11.21 -14.60 32.05
N ILE A 92 -11.16 -13.26 32.12
CA ILE A 92 -10.12 -12.49 31.43
C ILE A 92 -8.82 -12.43 32.20
N GLN A 93 -8.73 -13.07 33.36
CA GLN A 93 -7.44 -13.24 34.01
C GLN A 93 -6.68 -14.44 33.44
N LEU A 94 -7.09 -14.90 32.26
CA LEU A 94 -6.53 -16.07 31.62
C LEU A 94 -5.07 -15.82 31.24
N ARG A 95 -4.15 -16.36 32.02
CA ARG A 95 -2.72 -16.17 31.78
C ARG A 95 -2.22 -17.25 30.82
N LYS A 96 -0.90 -17.29 30.63
CA LYS A 96 -0.30 -18.30 29.77
C LYS A 96 0.03 -19.60 30.49
N GLU A 97 0.15 -19.58 31.83
CA GLU A 97 0.52 -20.79 32.55
C GLU A 97 -0.67 -21.71 32.84
N ASP A 98 -1.91 -21.23 32.71
CA ASP A 98 -3.06 -22.11 32.79
C ASP A 98 -3.43 -22.67 31.43
N SER A 99 -2.44 -22.92 30.59
CA SER A 99 -2.67 -23.36 29.23
C SER A 99 -2.15 -24.77 29.06
N GLY A 100 -2.98 -25.62 28.46
CA GLY A 100 -2.56 -26.96 28.16
C GLY A 100 -3.69 -27.83 27.68
N ILE A 101 -3.86 -28.98 28.31
CA ILE A 101 -4.91 -29.94 27.96
C ILE A 101 -5.91 -30.01 29.10
N TYR A 102 -7.18 -29.81 28.78
CA TYR A 102 -8.26 -29.90 29.76
C TYR A 102 -9.11 -31.13 29.47
N TYR A 103 -9.44 -31.88 30.52
CA TYR A 103 -10.17 -33.12 30.38
C TYR A 103 -11.54 -33.01 31.06
N CYS A 104 -12.43 -33.93 30.69
CA CYS A 104 -13.78 -33.98 31.20
C CYS A 104 -14.01 -35.35 31.84
N ALA A 105 -14.43 -35.34 33.10
CA ALA A 105 -14.56 -36.58 33.86
C ALA A 105 -15.95 -36.67 34.48
N LYS A 106 -16.35 -37.91 34.78
CA LYS A 106 -17.62 -38.21 35.42
C LYS A 106 -17.35 -39.12 36.61
N LEU A 107 -17.95 -38.82 37.76
CA LEU A 107 -17.74 -39.66 38.92
C LEU A 107 -18.38 -41.03 38.68
N GLU A 108 -17.59 -42.08 38.90
CA GLU A 108 -18.03 -43.45 38.64
C GLU A 108 -16.95 -44.45 39.05
N SER A 114 -17.98 -51.21 47.18
CA SER A 114 -17.15 -50.02 47.33
C SER A 114 -16.49 -50.00 48.70
N ARG A 115 -17.00 -50.81 49.62
CA ARG A 115 -16.41 -50.90 50.95
C ARG A 115 -15.04 -51.55 50.91
N TYR A 116 -14.97 -52.77 50.38
CA TYR A 116 -13.73 -53.51 50.25
C TYR A 116 -13.12 -53.42 48.86
N ILE A 117 -13.72 -52.65 47.96
CA ILE A 117 -13.19 -52.49 46.60
C ILE A 117 -13.24 -51.02 46.19
N ILE A 118 -12.10 -50.33 46.31
CA ILE A 118 -12.02 -48.90 46.05
C ILE A 118 -11.61 -48.67 44.60
N ARG A 119 -12.30 -47.76 43.93
CA ARG A 119 -12.07 -47.38 42.55
C ARG A 119 -11.64 -45.91 42.51
N GLU A 120 -11.22 -45.46 41.33
CA GLU A 120 -10.80 -44.08 41.17
C GLU A 120 -12.03 -43.18 41.10
N GLN A 121 -11.99 -42.08 41.86
CA GLN A 121 -13.17 -41.24 42.05
C GLN A 121 -13.66 -40.63 40.74
N TRP A 122 -12.76 -39.99 40.00
CA TRP A 122 -13.08 -39.42 38.71
C TRP A 122 -12.53 -40.30 37.59
N GLY A 123 -13.36 -40.58 36.59
CA GLY A 123 -12.98 -41.43 35.49
C GLY A 123 -13.58 -41.00 34.17
N ASN A 124 -13.46 -41.87 33.15
CA ASN A 124 -14.03 -41.64 31.83
C ASN A 124 -13.49 -40.35 31.19
N PHE A 125 -12.18 -40.20 31.21
CA PHE A 125 -11.56 -39.06 30.55
C PHE A 125 -11.62 -39.23 29.03
N GLY A 126 -11.34 -38.13 28.34
CA GLY A 126 -11.30 -38.13 26.89
C GLY A 126 -9.92 -37.76 26.39
N PRO A 127 -9.83 -37.41 25.10
CA PRO A 127 -8.55 -36.98 24.53
C PRO A 127 -8.09 -35.62 25.03
N GLY A 128 -8.95 -34.90 25.77
CA GLY A 128 -8.63 -33.56 26.19
C GLY A 128 -8.84 -32.57 25.07
N THR A 129 -8.67 -31.30 25.40
CA THR A 129 -8.76 -30.23 24.42
C THR A 129 -7.56 -29.33 24.56
N LYS A 130 -7.02 -28.89 23.42
CA LYS A 130 -5.81 -28.07 23.39
C LYS A 130 -6.21 -26.62 23.55
N LEU A 131 -5.82 -26.02 24.67
CA LEU A 131 -5.97 -24.59 24.91
C LEU A 131 -4.57 -24.00 25.00
N THR A 132 -4.25 -23.08 24.10
CA THR A 132 -2.94 -22.44 24.06
C THR A 132 -3.13 -20.94 24.21
N VAL A 133 -2.78 -20.40 25.36
CA VAL A 133 -2.83 -18.97 25.62
C VAL A 133 -1.42 -18.42 25.42
N LEU A 134 -1.28 -17.51 24.47
CA LEU A 134 0.02 -16.90 24.22
C LEU A 134 0.20 -15.63 25.06
N PRO A 135 1.42 -15.33 25.50
CA PRO A 135 1.63 -14.10 26.26
C PRO A 135 1.39 -12.87 25.40
N LEU A 136 1.01 -11.78 26.05
CA LEU A 136 0.76 -10.51 25.38
C LEU A 136 1.88 -9.55 25.71
N GLU A 137 2.61 -9.10 24.69
CA GLU A 137 3.75 -8.24 24.90
C GLU A 137 3.30 -6.81 25.21
N LYS A 138 3.86 -6.23 26.27
CA LYS A 138 3.61 -4.83 26.60
C LYS A 138 4.43 -3.89 25.73
N THR A 139 5.44 -4.39 25.01
CA THR A 139 6.27 -3.57 24.12
C THR A 139 5.59 -3.49 22.75
N LEU A 140 5.10 -2.31 22.40
CA LEU A 140 4.44 -2.08 21.12
C LEU A 140 5.33 -1.23 20.22
N LEU A 141 5.55 -1.70 19.00
CA LEU A 141 6.39 -1.00 18.03
C LEU A 141 5.66 -1.01 16.70
N THR A 142 5.36 0.18 16.17
CA THR A 142 4.61 0.33 14.92
C THR A 142 5.47 1.09 13.92
N GLU A 143 6.09 0.37 12.98
CA GLU A 143 6.89 0.97 11.93
C GLU A 143 5.99 1.57 10.84
N SER A 144 6.39 2.74 10.35
CA SER A 144 5.72 3.36 9.21
C SER A 144 6.78 4.01 8.32
N GLY A 145 6.35 4.41 7.12
CA GLY A 145 7.25 5.02 6.16
C GLY A 145 7.69 4.13 5.01
N GLY A 146 7.11 2.93 4.88
CA GLY A 146 7.51 2.05 3.81
C GLY A 146 6.84 2.39 2.49
N GLY A 147 7.41 1.86 1.42
CA GLY A 147 6.87 2.10 0.09
C GLY A 147 7.95 1.90 -0.96
N THR A 148 7.69 2.46 -2.14
CA THR A 148 8.63 2.41 -3.25
C THR A 148 9.34 3.75 -3.37
N TYR A 149 10.67 3.70 -3.51
CA TYR A 149 11.50 4.89 -3.58
C TYR A 149 12.41 4.81 -4.80
N GLN A 150 12.58 5.95 -5.46
CA GLN A 150 13.60 6.06 -6.51
C GLN A 150 14.99 6.11 -5.89
N ALA A 151 15.96 5.54 -6.59
CA ALA A 151 17.33 5.56 -6.12
C ALA A 151 17.83 7.00 -5.98
N GLY A 152 18.72 7.21 -5.01
CA GLY A 152 19.25 8.51 -4.72
C GLY A 152 18.43 9.34 -3.75
N LYS A 153 17.16 9.00 -3.56
CA LYS A 153 16.30 9.70 -2.61
C LYS A 153 16.73 9.37 -1.18
N THR A 154 16.09 10.01 -0.22
CA THR A 154 16.38 9.82 1.20
C THR A 154 15.21 9.12 1.87
N LEU A 155 15.47 7.97 2.46
CA LEU A 155 14.47 7.19 3.18
C LEU A 155 14.37 7.66 4.63
N SER A 156 13.15 7.80 5.12
CA SER A 156 12.90 8.29 6.48
C SER A 156 11.78 7.45 7.10
N LEU A 157 12.14 6.55 8.01
CA LEU A 157 11.20 5.67 8.69
C LEU A 157 10.93 6.17 10.10
N LYS A 158 9.82 5.70 10.67
CA LYS A 158 9.39 6.12 11.99
C LYS A 158 8.79 4.94 12.75
N CYS A 159 8.95 4.96 14.09
CA CYS A 159 8.38 3.97 15.00
C CYS A 159 7.62 4.65 16.13
N GLN A 160 6.34 4.32 16.28
CA GLN A 160 5.58 4.72 17.46
C GLN A 160 5.72 3.66 18.53
N THR A 161 6.33 4.03 19.66
CA THR A 161 6.61 3.10 20.74
C THR A 161 5.57 3.27 21.84
N SER A 162 5.23 2.16 22.49
CA SER A 162 4.25 2.19 23.57
C SER A 162 4.60 1.11 24.58
N GLY A 163 4.29 1.38 25.84
CA GLY A 163 4.32 0.37 26.86
C GLY A 163 5.64 0.16 27.56
N PHE A 164 6.56 1.13 27.50
CA PHE A 164 7.81 1.01 28.23
C PHE A 164 8.45 2.38 28.38
N GLN A 165 9.40 2.47 29.30
CA GLN A 165 10.09 3.73 29.58
C GLN A 165 10.96 4.08 28.40
N PHE A 166 10.48 5.00 27.55
CA PHE A 166 11.15 5.31 26.31
C PHE A 166 12.51 5.96 26.54
N LYS A 167 12.62 6.79 27.58
CA LYS A 167 13.84 7.59 27.75
C LYS A 167 15.07 6.73 28.01
N THR A 168 14.93 5.70 28.85
CA THR A 168 16.05 4.86 29.23
C THR A 168 16.04 3.52 28.50
N SER A 169 15.42 3.47 27.33
CA SER A 169 15.33 2.24 26.55
C SER A 169 16.37 2.26 25.44
N GLN A 170 16.72 1.06 24.98
CA GLN A 170 17.62 0.88 23.84
C GLN A 170 16.80 0.37 22.66
N LEU A 171 16.70 1.17 21.61
CA LEU A 171 15.92 0.85 20.43
C LEU A 171 16.83 0.88 19.22
N ASP A 172 16.74 -0.14 18.37
CA ASP A 172 17.60 -0.29 17.21
C ASP A 172 16.74 -0.50 15.97
N TRP A 173 17.37 -0.33 14.81
CA TRP A 173 16.77 -0.64 13.52
C TRP A 173 17.53 -1.81 12.91
N TYR A 174 16.81 -2.86 12.54
CA TYR A 174 17.41 -4.03 11.90
C TYR A 174 16.79 -4.22 10.52
N LEU A 175 17.63 -4.64 9.58
CA LEU A 175 17.20 -4.85 8.20
C LEU A 175 17.05 -6.35 7.97
N TRP A 176 15.83 -6.77 7.67
CA TRP A 176 15.51 -8.16 7.37
C TRP A 176 15.22 -8.30 5.88
N THR A 177 16.02 -9.10 5.19
CA THR A 177 15.84 -9.35 3.77
C THR A 177 15.85 -10.86 3.55
N PRO A 178 14.91 -11.40 2.78
CA PRO A 178 14.89 -12.86 2.55
C PRO A 178 16.20 -13.35 1.98
N GLY A 179 16.66 -14.50 2.49
CA GLY A 179 17.92 -15.07 2.08
C GLY A 179 19.15 -14.45 2.69
N HIS A 180 19.02 -13.35 3.43
CA HIS A 180 20.13 -12.69 4.05
C HIS A 180 20.00 -12.76 5.56
N ALA A 181 21.12 -12.55 6.26
CA ALA A 181 21.08 -12.49 7.71
C ALA A 181 20.53 -11.13 8.15
N PRO A 182 19.69 -11.10 9.17
CA PRO A 182 19.24 -9.82 9.73
C PRO A 182 20.42 -8.95 10.10
N LEU A 183 20.37 -7.69 9.70
CA LEU A 183 21.50 -6.78 9.82
C LEU A 183 21.12 -5.56 10.64
N TRP A 184 21.95 -5.23 11.63
CA TRP A 184 21.75 -4.05 12.44
C TRP A 184 22.22 -2.81 11.70
N LEU A 185 21.35 -1.82 11.59
CA LEU A 185 21.68 -0.59 10.87
C LEU A 185 22.21 0.48 11.83
N THR A 186 21.39 0.88 12.80
CA THR A 186 21.74 1.91 13.76
C THR A 186 20.70 1.88 14.87
N GLY A 187 21.03 2.50 15.99
CA GLY A 187 20.12 2.53 17.11
C GLY A 187 20.42 3.66 18.06
N LEU A 188 19.71 3.66 19.18
CA LEU A 188 19.87 4.70 20.20
C LEU A 188 19.85 4.05 21.57
N ASN A 189 20.42 4.76 22.53
CA ASN A 189 20.40 4.35 23.93
C ASN A 189 20.40 5.61 24.77
N SER A 190 20.86 5.50 26.01
CA SER A 190 20.77 6.60 26.96
C SER A 190 21.96 7.56 26.80
N SER A 191 22.48 7.67 25.59
CA SER A 191 23.68 8.47 25.33
C SER A 191 23.49 9.14 23.98
N SER A 192 24.60 9.62 23.40
CA SER A 192 24.59 10.35 22.14
C SER A 192 24.64 9.40 20.95
N THR A 193 24.74 9.99 19.75
CA THR A 193 24.55 9.26 18.50
C THR A 193 25.43 8.02 18.41
N ASP A 194 24.85 6.94 17.88
CA ASP A 194 25.49 5.63 17.97
C ASP A 194 26.31 5.24 16.74
N ALA A 195 25.63 4.98 15.62
CA ALA A 195 26.28 4.87 14.31
C ALA A 195 25.40 5.72 13.42
N THR A 196 25.65 7.02 13.46
CA THR A 196 24.71 8.03 13.00
C THR A 196 25.45 9.06 12.16
N GLU A 197 26.42 8.59 11.38
CA GLU A 197 27.26 9.45 10.58
C GLU A 197 27.19 8.95 9.13
N GLY A 198 26.72 9.81 8.24
CA GLY A 198 26.72 9.51 6.83
C GLY A 198 25.38 8.94 6.38
N ARG A 199 25.42 7.79 5.70
CA ARG A 199 24.24 7.33 4.98
C ARG A 199 23.13 6.93 5.94
N ILE A 200 23.43 6.04 6.89
CA ILE A 200 22.42 5.49 7.80
C ILE A 200 22.45 6.28 9.10
N THR A 201 21.28 6.80 9.49
CA THR A 201 21.16 7.77 10.56
C THR A 201 19.91 7.45 11.36
N SER A 202 19.94 7.74 12.67
CA SER A 202 18.79 7.56 13.53
C SER A 202 18.64 8.75 14.47
N SER A 203 17.40 9.01 14.89
CA SER A 203 17.09 10.10 15.81
C SER A 203 15.90 9.67 16.66
N ARG A 204 15.49 10.57 17.57
CA ARG A 204 14.37 10.25 18.44
C ARG A 204 13.61 11.51 18.81
N GLU A 205 12.35 11.31 19.21
CA GLU A 205 11.47 12.37 19.73
C GLU A 205 10.97 11.90 21.08
N ASP A 206 11.58 12.41 22.17
CA ASP A 206 11.23 11.95 23.50
C ASP A 206 9.81 12.32 23.91
N ASN A 207 9.22 13.33 23.27
CA ASN A 207 7.87 13.76 23.66
C ASN A 207 6.82 12.76 23.21
N LYS A 208 6.89 12.33 21.95
CA LYS A 208 5.90 11.40 21.40
C LYS A 208 6.38 9.95 21.43
N ASN A 209 7.53 9.68 22.03
CA ASN A 209 8.07 8.32 22.14
C ASN A 209 8.21 7.66 20.77
N GLN A 210 9.06 8.27 19.93
CA GLN A 210 9.28 7.83 18.56
C GLN A 210 10.76 7.78 18.25
N ILE A 211 11.14 6.84 17.38
CA ILE A 211 12.50 6.72 16.88
C ILE A 211 12.43 6.73 15.36
N PHE A 212 13.45 7.32 14.74
CA PHE A 212 13.47 7.51 13.30
C PHE A 212 14.70 6.87 12.68
N LEU A 213 14.56 6.47 11.41
CA LEU A 213 15.67 6.01 10.58
C LEU A 213 15.77 6.93 9.37
N GLN A 214 17.01 7.25 8.97
CA GLN A 214 17.23 8.11 7.82
C GLN A 214 18.38 7.55 7.01
N ILE A 215 18.07 7.03 5.82
CA ILE A 215 19.07 6.51 4.90
C ILE A 215 19.11 7.42 3.69
N GLU A 216 20.29 7.93 3.37
CA GLU A 216 20.50 8.82 2.23
C GLU A 216 21.00 8.03 1.03
N ASP A 217 20.92 8.68 -0.13
CA ASP A 217 21.39 8.14 -1.41
C ASP A 217 21.00 6.66 -1.57
N LEU A 218 19.68 6.44 -1.59
CA LEU A 218 19.15 5.08 -1.63
C LEU A 218 19.70 4.31 -2.81
N GLY A 219 20.04 3.03 -2.56
CA GLY A 219 20.51 2.13 -3.58
C GLY A 219 19.63 0.89 -3.64
N LEU A 220 19.85 0.10 -4.69
CA LEU A 220 19.05 -1.12 -4.85
C LEU A 220 19.28 -2.10 -3.72
N ARG A 221 20.48 -2.11 -3.13
CA ARG A 221 20.78 -2.99 -2.02
C ARG A 221 20.02 -2.60 -0.75
N ASP A 222 19.43 -1.41 -0.70
CA ASP A 222 18.76 -0.92 0.49
C ASP A 222 17.30 -1.38 0.58
N SER A 223 16.84 -2.21 -0.34
CA SER A 223 15.50 -2.75 -0.25
C SER A 223 15.45 -3.87 0.79
N GLY A 224 14.31 -4.00 1.43
CA GLY A 224 14.11 -5.04 2.42
C GLY A 224 13.05 -4.63 3.43
N GLN A 225 12.99 -5.42 4.51
CA GLN A 225 12.04 -5.20 5.60
C GLN A 225 12.78 -4.59 6.79
N TYR A 226 12.37 -3.39 7.18
CA TYR A 226 12.99 -2.67 8.27
C TYR A 226 12.16 -2.82 9.54
N HIS A 227 12.79 -3.36 10.58
CA HIS A 227 12.18 -3.52 11.89
C HIS A 227 12.93 -2.65 12.88
N CYS A 228 12.20 -1.83 13.65
CA CYS A 228 12.76 -1.25 14.87
C CYS A 228 12.57 -2.22 16.02
N ALA A 229 13.63 -2.44 16.77
CA ALA A 229 13.68 -3.47 17.77
C ALA A 229 14.01 -2.87 19.13
N ARG A 230 13.49 -3.49 20.18
CA ARG A 230 13.75 -3.06 21.54
C ARG A 230 14.47 -4.18 22.27
N ARG A 231 15.54 -3.83 22.98
CA ARG A 231 16.30 -4.76 23.78
C ARG A 231 15.71 -4.83 25.18
N VAL A 232 15.21 -6.00 25.56
CA VAL A 232 14.62 -6.22 26.88
C VAL A 232 15.36 -7.37 27.56
N GLY A 233 15.42 -7.31 28.87
CA GLY A 233 16.07 -8.35 29.63
C GLY A 233 16.67 -7.81 30.92
N ASN A 234 17.80 -8.38 31.31
CA ASN A 234 18.46 -8.04 32.56
C ASN A 234 19.75 -7.25 32.38
N GLY A 235 20.09 -6.89 31.14
CA GLY A 235 21.28 -6.09 30.88
C GLY A 235 22.51 -6.87 30.52
N ASP A 236 22.45 -8.20 30.52
CA ASP A 236 23.55 -9.06 30.13
C ASP A 236 23.30 -9.61 28.73
N ASP A 237 24.13 -10.57 28.30
CA ASP A 237 24.00 -11.19 26.99
C ASP A 237 22.79 -12.11 26.86
N THR A 238 21.98 -12.27 27.91
CA THR A 238 20.74 -13.03 27.81
C THR A 238 19.57 -12.19 27.31
N ASP A 239 19.77 -10.89 27.13
CA ASP A 239 18.69 -10.03 26.66
C ASP A 239 18.24 -10.45 25.27
N LYS A 240 17.00 -10.13 24.96
CA LYS A 240 16.42 -10.46 23.67
C LYS A 240 16.00 -9.17 22.96
N LEU A 241 15.80 -9.28 21.66
CA LEU A 241 15.26 -8.19 20.85
C LEU A 241 13.79 -8.45 20.58
N VAL A 242 12.95 -7.47 20.87
CA VAL A 242 11.53 -7.52 20.54
C VAL A 242 11.34 -6.72 19.27
N PHE A 243 10.82 -7.37 18.24
CA PHE A 243 10.65 -6.74 16.94
C PHE A 243 9.20 -6.38 16.68
N GLY A 244 9.00 -5.37 15.83
CA GLY A 244 7.69 -5.09 15.29
C GLY A 244 7.48 -5.80 13.96
N LEU A 245 6.27 -5.62 13.41
CA LEU A 245 5.96 -6.23 12.13
C LEU A 245 6.89 -5.76 11.03
N GLY A 246 7.46 -4.56 11.17
CA GLY A 246 8.34 -4.01 10.16
C GLY A 246 7.59 -3.34 9.03
N THR A 247 8.33 -2.59 8.22
CA THR A 247 7.76 -1.92 7.06
C THR A 247 8.63 -2.19 5.85
N ARG A 248 8.00 -2.45 4.72
CA ARG A 248 8.69 -2.88 3.52
C ARG A 248 9.09 -1.69 2.66
N VAL A 249 10.32 -1.71 2.15
CA VAL A 249 10.86 -0.64 1.33
C VAL A 249 11.38 -1.25 0.03
N ILE A 250 10.81 -0.83 -1.10
CA ILE A 250 11.28 -1.22 -2.42
C ILE A 250 11.96 -0.02 -3.05
N VAL A 251 13.08 -0.27 -3.73
CA VAL A 251 13.84 0.78 -4.39
C VAL A 251 13.79 0.54 -5.90
N GLU A 252 13.34 1.55 -6.64
CA GLU A 252 13.29 1.57 -8.09
C GLU A 252 14.42 2.41 -8.65
N PRO A 253 14.84 2.15 -9.89
CA PRO A 253 15.81 3.04 -10.54
C PRO A 253 15.23 4.43 -10.75
N ARG A 254 16.09 5.43 -10.62
CA ARG A 254 15.65 6.80 -10.82
C ARG A 254 15.38 7.07 -12.30
N PRO A 255 14.49 8.01 -12.61
CA PRO A 255 14.18 8.28 -14.02
C PRO A 255 15.39 8.82 -14.76
N GLN A 256 15.51 8.44 -16.03
CA GLN A 256 16.62 8.85 -16.86
C GLN A 256 16.18 8.82 -18.32
N ALA A 257 17.13 9.04 -19.22
CA ALA A 257 16.81 9.06 -20.63
C ALA A 257 16.36 7.67 -21.11
N PRO A 258 15.37 7.60 -21.99
CA PRO A 258 14.97 6.29 -22.54
C PRO A 258 16.13 5.67 -23.32
N LEU A 259 16.47 4.44 -22.96
CA LEU A 259 17.59 3.72 -23.57
C LEU A 259 17.06 2.43 -24.19
N SER A 260 17.41 2.18 -25.45
CA SER A 260 16.95 0.97 -26.09
C SER A 260 17.85 -0.21 -25.75
N PRO A 261 17.29 -1.41 -25.65
CA PRO A 261 18.06 -2.55 -25.15
C PRO A 261 18.93 -3.20 -26.22
N SER A 262 19.96 -3.88 -25.74
CA SER A 262 20.77 -4.77 -26.56
C SER A 262 20.25 -6.19 -26.39
N VAL A 263 19.98 -6.86 -27.51
CA VAL A 263 19.42 -8.20 -27.50
C VAL A 263 20.45 -9.18 -28.02
N PHE A 264 20.58 -10.32 -27.36
CA PHE A 264 21.48 -11.38 -27.76
C PHE A 264 20.79 -12.73 -27.59
N LEU A 265 21.34 -13.74 -28.26
CA LEU A 265 20.72 -15.06 -28.31
C LEU A 265 21.78 -16.12 -28.01
N VAL A 266 21.48 -16.99 -27.04
CA VAL A 266 22.40 -18.03 -26.62
C VAL A 266 21.70 -19.38 -26.72
N ARG A 267 22.49 -20.45 -26.76
CA ARG A 267 21.98 -21.82 -26.86
C ARG A 267 22.73 -22.72 -25.89
N ASP A 268 22.05 -23.80 -25.47
CA ASP A 268 22.70 -24.82 -24.65
C ASP A 268 22.23 -26.23 -25.04
N GLN A 269 21.82 -26.40 -26.30
CA GLN A 269 21.52 -27.71 -26.91
C GLN A 269 20.22 -28.28 -26.37
N ASN A 270 19.64 -27.62 -25.38
CA ASN A 270 18.34 -28.00 -24.87
C ASN A 270 17.49 -26.79 -24.50
N ALA A 271 18.06 -25.60 -24.43
CA ALA A 271 17.34 -24.40 -24.03
C ALA A 271 17.83 -23.22 -24.84
N VAL A 272 17.12 -22.11 -24.69
CA VAL A 272 17.42 -20.86 -25.38
C VAL A 272 17.29 -19.72 -24.39
N ALA A 273 18.30 -18.85 -24.36
CA ALA A 273 18.27 -17.67 -23.50
C ALA A 273 18.31 -16.42 -24.39
N CYS A 274 17.28 -15.59 -24.27
CA CYS A 274 17.24 -14.30 -24.94
C CYS A 274 17.65 -13.23 -23.94
N LEU A 275 18.80 -12.61 -24.17
CA LEU A 275 19.40 -11.68 -23.21
C LEU A 275 19.10 -10.25 -23.65
N ILE A 276 18.39 -9.51 -22.80
CA ILE A 276 17.98 -8.14 -23.07
C ILE A 276 18.62 -7.24 -22.01
N ARG A 277 19.52 -6.36 -22.44
CA ARG A 277 20.38 -5.62 -21.51
C ARG A 277 20.18 -4.12 -21.64
N ASN A 278 20.17 -3.45 -20.48
CA ASN A 278 20.34 -2.01 -20.37
C ASN A 278 19.28 -1.25 -21.17
N PHE A 279 18.05 -1.40 -20.71
CA PHE A 279 16.93 -0.67 -21.28
C PHE A 279 16.19 0.09 -20.17
N TYR A 280 15.52 1.17 -20.57
CA TYR A 280 14.68 1.95 -19.69
C TYR A 280 13.63 2.68 -20.52
N PRO A 281 12.34 2.67 -20.12
CA PRO A 281 11.79 2.11 -18.89
C PRO A 281 11.71 0.58 -18.89
N LYS A 282 11.23 0.01 -17.78
CA LYS A 282 11.20 -1.44 -17.61
C LYS A 282 10.12 -2.12 -18.42
N GLU A 283 9.23 -1.37 -19.07
CA GLU A 283 8.15 -1.97 -19.83
C GLU A 283 8.68 -2.46 -21.17
N LEU A 284 8.57 -3.77 -21.40
CA LEU A 284 8.85 -4.34 -22.70
C LEU A 284 8.05 -5.63 -22.87
N HIS A 285 8.02 -6.12 -24.11
CA HIS A 285 7.40 -7.39 -24.43
C HIS A 285 8.40 -8.26 -25.16
N VAL A 286 8.61 -9.46 -24.66
CA VAL A 286 9.51 -10.44 -25.26
C VAL A 286 8.70 -11.68 -25.61
N SER A 287 9.04 -12.30 -26.73
CA SER A 287 8.36 -13.51 -27.17
C SER A 287 9.33 -14.37 -27.95
N LEU A 288 9.34 -15.67 -27.65
CA LEU A 288 10.21 -16.63 -28.31
C LEU A 288 9.37 -17.51 -29.23
N THR A 289 9.68 -17.47 -30.53
CA THR A 289 8.95 -18.23 -31.53
C THR A 289 9.88 -19.22 -32.21
N SER A 290 9.37 -20.40 -32.56
CA SER A 290 10.17 -21.40 -33.26
C SER A 290 10.01 -21.32 -34.76
N SER A 291 8.79 -21.55 -35.26
CA SER A 291 8.50 -21.55 -36.68
C SER A 291 7.26 -20.70 -36.96
N GLY A 292 7.24 -19.52 -36.36
CA GLY A 292 6.06 -18.68 -36.37
C GLY A 292 5.13 -18.88 -35.18
N THR A 293 5.32 -19.96 -34.43
CA THR A 293 4.51 -20.27 -33.26
C THR A 293 5.34 -20.09 -31.99
N LEU A 294 4.65 -19.98 -30.86
CA LEU A 294 5.34 -19.88 -29.58
C LEU A 294 5.95 -21.22 -29.19
N ILE A 295 7.10 -21.16 -28.51
CA ILE A 295 7.81 -22.37 -28.11
C ILE A 295 7.22 -22.92 -26.81
N SER A 296 7.64 -24.13 -26.45
CA SER A 296 6.98 -24.90 -25.40
C SER A 296 6.82 -24.11 -24.10
N ALA A 297 7.94 -23.74 -23.49
CA ALA A 297 7.94 -23.01 -22.23
C ALA A 297 8.81 -21.76 -22.38
N GLN A 298 8.39 -20.66 -21.77
CA GLN A 298 9.17 -19.43 -21.79
C GLN A 298 8.73 -18.56 -20.63
N ASN A 299 9.65 -18.30 -19.69
CA ASN A 299 9.37 -17.53 -18.50
C ASN A 299 10.36 -16.37 -18.42
N LEU A 300 9.85 -15.17 -18.19
CA LEU A 300 10.66 -13.96 -18.18
C LEU A 300 11.16 -13.65 -16.78
N THR A 301 12.38 -13.09 -16.72
CA THR A 301 12.99 -12.67 -15.46
C THR A 301 13.58 -11.28 -15.66
N LEU A 302 12.98 -10.28 -15.01
CA LEU A 302 13.41 -8.90 -15.14
C LEU A 302 14.02 -8.41 -13.84
N ALA A 303 15.11 -7.66 -13.93
CA ALA A 303 15.82 -7.18 -12.78
C ALA A 303 16.51 -5.87 -13.10
N PRO A 304 16.56 -4.93 -12.16
CA PRO A 304 17.25 -3.66 -12.39
C PRO A 304 18.72 -3.72 -12.01
N MET A 305 19.55 -3.14 -12.86
CA MET A 305 20.98 -3.14 -12.67
C MET A 305 21.41 -1.98 -11.78
N ALA A 306 22.62 -2.10 -11.24
CA ALA A 306 23.21 -1.00 -10.46
C ALA A 306 23.55 0.20 -11.34
N THR A 307 23.70 -0.01 -12.65
CA THR A 307 24.00 1.09 -13.57
C THR A 307 22.81 2.01 -13.79
N GLY A 308 21.63 1.67 -13.28
CA GLY A 308 20.45 2.50 -13.39
C GLY A 308 19.42 2.03 -14.39
N THR A 309 19.74 1.02 -15.20
CA THR A 309 18.84 0.50 -16.22
C THR A 309 18.42 -0.92 -15.85
N TYR A 310 17.51 -1.47 -16.65
CA TYR A 310 16.98 -2.81 -16.43
C TYR A 310 17.65 -3.81 -17.36
N SER A 311 17.63 -5.07 -16.93
CA SER A 311 18.00 -6.19 -17.78
C SER A 311 16.95 -7.28 -17.63
N ALA A 312 16.90 -8.16 -18.63
CA ALA A 312 15.91 -9.23 -18.64
C ALA A 312 16.49 -10.45 -19.33
N ILE A 313 16.01 -11.62 -18.93
CA ILE A 313 16.38 -12.88 -19.56
C ILE A 313 15.10 -13.66 -19.82
N HIS A 314 14.95 -14.15 -21.04
CA HIS A 314 13.80 -14.96 -21.42
C HIS A 314 14.33 -16.33 -21.83
N ILE A 315 14.10 -17.33 -20.98
CA ILE A 315 14.59 -18.68 -21.23
C ILE A 315 13.44 -19.53 -21.75
N GLY A 316 13.76 -20.41 -22.69
CA GLY A 316 12.83 -21.41 -23.17
C GLY A 316 13.61 -22.65 -23.56
N ARG A 317 12.88 -23.68 -23.97
CA ARG A 317 13.51 -24.93 -24.38
C ARG A 317 13.06 -25.32 -25.78
N VAL A 318 14.04 -25.60 -26.63
CA VAL A 318 13.83 -26.19 -27.95
C VAL A 318 15.05 -27.05 -28.26
N GLY A 319 14.96 -27.80 -29.35
CA GLY A 319 16.07 -28.60 -29.80
C GLY A 319 17.19 -27.75 -30.36
N GLU A 320 18.34 -28.39 -30.57
CA GLU A 320 19.48 -27.69 -31.14
C GLU A 320 19.36 -27.53 -32.65
N ASN A 321 18.74 -28.49 -33.33
CA ASN A 321 18.51 -28.42 -34.77
C ASN A 321 17.13 -27.86 -35.07
N ASP A 322 16.89 -26.65 -34.56
CA ASP A 322 15.61 -25.97 -34.72
C ASP A 322 15.87 -24.49 -34.96
N ALA A 323 14.92 -23.85 -35.64
CA ALA A 323 14.94 -22.41 -35.82
C ALA A 323 14.13 -21.75 -34.71
N ILE A 324 14.66 -20.64 -34.18
CA ILE A 324 13.98 -19.90 -33.13
C ILE A 324 14.18 -18.41 -33.35
N THR A 325 13.22 -17.62 -32.84
CA THR A 325 13.23 -16.18 -33.01
C THR A 325 12.81 -15.53 -31.70
N CYS A 326 13.65 -14.64 -31.18
CA CYS A 326 13.31 -13.83 -30.02
C CYS A 326 12.86 -12.46 -30.50
N SER A 327 11.61 -12.11 -30.23
CA SER A 327 11.05 -10.82 -30.62
C SER A 327 10.95 -9.94 -29.39
N VAL A 328 11.54 -8.75 -29.46
CA VAL A 328 11.61 -7.82 -28.33
C VAL A 328 11.01 -6.49 -28.78
N LYS A 329 10.00 -6.02 -28.04
CA LYS A 329 9.36 -4.73 -28.29
C LYS A 329 9.52 -3.87 -27.03
N HIS A 330 10.48 -2.94 -27.05
CA HIS A 330 10.72 -2.07 -25.90
C HIS A 330 10.79 -0.62 -26.36
N LEU A 331 9.86 -0.22 -27.24
CA LEU A 331 9.36 1.15 -27.35
C LEU A 331 8.54 1.16 -28.63
N GLU A 332 8.36 2.35 -29.20
CA GLU A 332 8.18 2.41 -30.65
C GLU A 332 9.04 1.36 -31.37
N LYS A 333 10.29 1.18 -30.95
CA LYS A 333 11.24 0.28 -31.60
C LYS A 333 10.79 -1.19 -31.51
N GLU A 334 11.46 -2.03 -32.29
CA GLU A 334 11.14 -3.45 -32.46
C GLU A 334 12.41 -4.19 -32.89
N ILE A 335 12.64 -5.36 -32.30
CA ILE A 335 13.88 -6.12 -32.53
C ILE A 335 13.55 -7.61 -32.66
N HIS A 336 14.16 -8.26 -33.65
CA HIS A 336 13.98 -9.68 -33.89
C HIS A 336 15.34 -10.35 -34.06
N MET A 337 15.57 -11.42 -33.30
CA MET A 337 16.80 -12.20 -33.38
C MET A 337 16.44 -13.62 -33.74
N SER A 338 17.01 -14.14 -34.83
CA SER A 338 16.61 -15.45 -35.35
C SER A 338 17.83 -16.31 -35.62
N HIS A 339 17.77 -17.56 -35.16
CA HIS A 339 18.75 -18.58 -35.49
C HIS A 339 18.08 -19.61 -36.40
N GLN A 340 18.64 -19.82 -37.58
CA GLN A 340 18.09 -20.81 -38.50
C GLN A 340 18.57 -22.20 -38.13
N ALA A 341 18.01 -23.20 -38.80
CA ALA A 341 18.39 -24.59 -38.55
C ALA A 341 19.61 -24.98 -39.39
N THR B 2 33.36 -5.90 14.55
CA THR B 2 32.54 -7.08 14.80
C THR B 2 33.42 -8.33 14.93
N GLY B 3 33.50 -9.10 13.84
CA GLY B 3 34.28 -10.31 13.81
C GLY B 3 33.48 -11.59 14.04
N VAL B 4 32.35 -11.51 14.74
CA VAL B 4 31.53 -12.69 15.00
C VAL B 4 30.93 -13.20 13.70
N ALA B 5 30.92 -14.53 13.53
CA ALA B 5 30.37 -15.16 12.34
C ALA B 5 29.51 -16.35 12.73
N LEU B 6 28.28 -16.37 12.23
CA LEU B 6 27.35 -17.47 12.44
C LEU B 6 27.16 -18.22 11.13
N GLU B 7 27.19 -19.56 11.20
CA GLU B 7 27.02 -20.42 10.04
C GLU B 7 25.94 -21.45 10.33
N GLN B 8 24.91 -21.50 9.50
CA GLN B 8 23.78 -22.40 9.69
C GLN B 8 23.71 -23.36 8.51
N ARG B 9 23.88 -24.65 8.78
CA ARG B 9 23.72 -25.68 7.77
C ARG B 9 22.72 -26.73 8.23
N PRO B 10 21.83 -27.19 7.33
CA PRO B 10 21.75 -26.73 5.94
C PRO B 10 20.83 -25.52 5.80
N ILE B 11 20.57 -25.08 4.58
CA ILE B 11 19.73 -23.92 4.36
C ILE B 11 18.26 -24.23 4.60
N SER B 12 17.84 -25.48 4.45
CA SER B 12 16.43 -25.81 4.56
C SER B 12 16.26 -27.21 5.15
N ILE B 13 15.12 -27.42 5.81
CA ILE B 13 14.77 -28.71 6.39
C ILE B 13 13.29 -28.94 6.12
N THR B 14 12.96 -30.05 5.45
CA THR B 14 11.60 -30.38 5.10
C THR B 14 11.20 -31.66 5.83
N ARG B 15 10.07 -31.62 6.52
CA ARG B 15 9.60 -32.74 7.33
C ARG B 15 8.08 -32.83 7.23
N ASN B 16 7.56 -34.04 7.47
CA ASN B 16 6.14 -34.21 7.69
C ASN B 16 5.81 -33.98 9.16
N ALA B 17 4.52 -33.83 9.44
CA ALA B 17 4.09 -33.52 10.80
C ALA B 17 4.46 -34.65 11.76
N LYS B 18 4.61 -34.28 13.03
CA LYS B 18 4.92 -35.16 14.15
C LYS B 18 6.35 -35.73 14.07
N GLN B 19 7.17 -35.24 13.14
CA GLN B 19 8.56 -35.65 13.06
C GLN B 19 9.43 -34.69 13.87
N SER B 20 10.75 -34.81 13.77
CA SER B 20 11.66 -33.96 14.50
C SER B 20 12.67 -33.33 13.54
N ALA B 21 13.22 -32.21 13.96
CA ALA B 21 14.15 -31.45 13.13
C ALA B 21 15.28 -30.92 13.99
N SER B 22 16.49 -30.92 13.43
CA SER B 22 17.68 -30.45 14.14
C SER B 22 18.36 -29.38 13.29
N LEU B 23 18.60 -28.23 13.90
CA LEU B 23 19.19 -27.10 13.20
C LEU B 23 20.54 -26.79 13.83
N ASN B 24 21.52 -26.51 12.98
CA ASN B 24 22.88 -26.29 13.43
C ASN B 24 23.24 -24.81 13.32
N CYS B 25 24.16 -24.39 14.19
CA CYS B 25 24.64 -23.01 14.20
C CYS B 25 26.11 -23.05 14.62
N LYS B 26 27.00 -22.90 13.65
CA LYS B 26 28.42 -22.87 13.92
C LYS B 26 28.84 -21.44 14.19
N ILE B 27 29.49 -21.21 15.32
CA ILE B 27 29.85 -19.86 15.75
C ILE B 27 31.37 -19.75 15.67
N LEU B 28 31.84 -18.79 14.88
CA LEU B 28 33.25 -18.52 14.72
C LEU B 28 33.61 -17.23 15.43
N ASN B 29 34.70 -17.25 16.18
CA ASN B 29 35.16 -16.10 16.96
C ASN B 29 34.05 -15.64 17.91
N PRO B 30 33.63 -16.47 18.85
CA PRO B 30 32.47 -16.11 19.69
C PRO B 30 32.86 -15.17 20.83
N VAL B 31 32.14 -14.05 20.92
CA VAL B 31 32.34 -13.09 22.01
C VAL B 31 31.40 -13.35 23.17
N SER B 32 30.14 -13.67 22.88
CA SER B 32 29.14 -13.93 23.91
C SER B 32 29.07 -15.42 24.25
N ASP B 33 28.80 -15.71 25.51
CA ASP B 33 28.60 -17.08 25.98
C ASP B 33 27.22 -17.63 25.62
N TYR B 34 26.37 -16.86 24.94
CA TYR B 34 24.99 -17.24 24.70
C TYR B 34 24.68 -17.28 23.21
N VAL B 35 23.85 -18.24 22.83
CA VAL B 35 23.33 -18.38 21.47
C VAL B 35 21.83 -18.23 21.53
N HIS B 36 21.30 -17.22 20.83
CA HIS B 36 19.87 -16.96 20.77
C HIS B 36 19.28 -17.54 19.50
N TRP B 37 18.06 -18.07 19.60
CA TRP B 37 17.37 -18.65 18.45
C TRP B 37 16.09 -17.86 18.20
N TYR B 38 16.09 -17.09 17.11
CA TYR B 38 14.92 -16.33 16.70
C TYR B 38 14.19 -17.06 15.57
N ARG B 39 12.89 -16.85 15.49
CA ARG B 39 12.05 -17.47 14.47
C ARG B 39 11.32 -16.40 13.68
N SER B 40 11.31 -16.57 12.36
CA SER B 40 10.60 -15.68 11.46
C SER B 40 9.49 -16.46 10.78
N GLN B 41 8.25 -16.04 11.02
CA GLN B 41 7.09 -16.65 10.40
C GLN B 41 6.40 -15.60 9.54
N GLU B 42 5.83 -16.05 8.43
CA GLU B 42 5.20 -15.11 7.49
C GLU B 42 4.01 -14.43 8.14
N GLY B 43 4.06 -13.09 8.20
CA GLY B 43 2.97 -12.29 8.71
C GLY B 43 3.16 -11.75 10.10
N ARG B 44 3.99 -12.37 10.92
CA ARG B 44 4.19 -11.94 12.30
C ARG B 44 5.63 -11.50 12.52
N ALA B 45 5.83 -10.68 13.54
CA ALA B 45 7.14 -10.14 13.82
C ALA B 45 8.10 -11.24 14.26
N PRO B 46 9.39 -11.09 13.94
CA PRO B 46 10.38 -12.05 14.42
C PRO B 46 10.46 -12.01 15.94
N GLU B 47 10.62 -13.19 16.54
CA GLU B 47 10.66 -13.32 17.99
C GLU B 47 11.67 -14.40 18.35
N ARG B 48 12.16 -14.33 19.59
CA ARG B 48 13.14 -15.29 20.09
C ARG B 48 12.42 -16.49 20.72
N LEU B 49 12.93 -17.69 20.43
CA LEU B 49 12.38 -18.91 21.00
C LEU B 49 13.06 -19.29 22.31
N LEU B 50 14.39 -19.35 22.30
CA LEU B 50 15.15 -19.73 23.48
C LEU B 50 16.53 -19.09 23.41
N VAL B 51 17.22 -19.11 24.55
CA VAL B 51 18.59 -18.67 24.65
C VAL B 51 19.39 -19.81 25.26
N TYR B 52 20.44 -20.25 24.57
CA TYR B 52 21.24 -21.39 25.00
C TYR B 52 22.52 -20.88 25.63
N SER B 53 22.82 -21.38 26.82
CA SER B 53 24.04 -21.00 27.53
C SER B 53 25.14 -22.02 27.24
N ARG B 54 26.21 -21.56 26.62
CA ARG B 54 27.38 -22.40 26.44
C ARG B 54 28.11 -22.54 27.78
N SER B 55 28.85 -23.64 27.91
CA SER B 55 29.57 -24.03 29.12
C SER B 55 28.62 -24.49 30.23
N LYS B 56 27.35 -24.11 30.14
CA LYS B 56 26.33 -24.66 31.01
C LYS B 56 25.47 -25.70 30.32
N SER B 57 25.48 -25.72 28.99
CA SER B 57 24.64 -26.63 28.19
C SER B 57 23.18 -26.52 28.63
N GLU B 58 22.74 -25.29 28.90
CA GLU B 58 21.42 -25.03 29.46
C GLU B 58 20.59 -24.27 28.44
N SER B 59 19.42 -24.81 28.10
CA SER B 59 18.49 -24.19 27.18
C SER B 59 17.36 -23.55 27.96
N VAL B 60 17.18 -22.24 27.80
CA VAL B 60 16.14 -21.52 28.52
C VAL B 60 15.13 -21.00 27.50
N PRO B 61 13.97 -21.65 27.37
CA PRO B 61 12.97 -21.17 26.41
C PRO B 61 12.27 -19.92 26.90
N ASP B 62 11.77 -19.14 25.95
CA ASP B 62 11.08 -17.90 26.24
C ASP B 62 9.61 -18.17 26.53
N PRO B 63 8.92 -17.24 27.18
CA PRO B 63 7.50 -17.46 27.49
C PRO B 63 6.69 -17.78 26.25
N GLY B 64 5.89 -18.84 26.34
CA GLY B 64 5.11 -19.32 25.22
C GLY B 64 5.68 -20.55 24.55
N PHE B 65 6.92 -20.94 24.85
CA PHE B 65 7.55 -22.11 24.25
C PHE B 65 8.00 -23.06 25.35
N SER B 66 7.68 -24.34 25.19
CA SER B 66 7.97 -25.36 26.19
C SER B 66 9.22 -26.15 25.82
N ALA B 67 9.95 -26.60 26.83
CA ALA B 67 11.19 -27.34 26.61
C ALA B 67 10.97 -28.68 25.92
N ASP B 68 9.76 -29.25 25.99
CA ASP B 68 9.47 -30.46 25.24
C ASP B 68 9.17 -30.17 23.78
N LYS B 69 9.29 -28.92 23.35
CA LYS B 69 9.08 -28.52 21.97
C LYS B 69 10.35 -27.98 21.33
N VAL B 70 11.04 -27.06 21.98
CA VAL B 70 12.29 -26.49 21.48
C VAL B 70 13.36 -26.65 22.56
N ARG B 71 14.54 -27.10 22.17
CA ARG B 71 15.63 -27.31 23.10
C ARG B 71 16.94 -27.32 22.30
N ALA B 72 17.91 -26.58 22.79
CA ALA B 72 19.23 -26.51 22.16
C ALA B 72 20.20 -27.42 22.90
N TYR B 73 21.19 -27.92 22.16
CA TYR B 73 22.20 -28.82 22.70
C TYR B 73 23.54 -28.42 22.12
N LYS B 74 24.59 -29.08 22.58
CA LYS B 74 25.91 -28.89 22.01
C LYS B 74 26.10 -29.85 20.84
N GLY B 75 26.58 -29.32 19.73
CA GLY B 75 26.86 -30.08 18.52
C GLY B 75 28.32 -30.45 18.60
N ALA B 76 29.12 -29.91 17.69
CA ALA B 76 30.56 -30.12 17.73
C ALA B 76 31.09 -29.21 18.85
N ASP B 77 32.40 -29.00 18.89
CA ASP B 77 32.95 -28.19 19.97
C ASP B 77 32.75 -26.70 19.72
N ASP B 78 32.13 -26.34 18.59
CA ASP B 78 31.79 -24.95 18.32
C ASP B 78 30.40 -24.82 17.70
N THR B 79 29.58 -25.86 17.74
CA THR B 79 28.25 -25.85 17.11
C THR B 79 27.17 -25.85 18.19
N CYS B 80 26.17 -24.98 18.02
CA CYS B 80 24.95 -25.03 18.80
C CYS B 80 23.87 -25.72 17.97
N ARG B 81 23.22 -26.72 18.53
CA ARG B 81 22.29 -27.58 17.82
C ARG B 81 20.89 -27.40 18.38
N LEU B 82 19.99 -26.80 17.60
CA LEU B 82 18.60 -26.63 18.02
C LEU B 82 17.78 -27.81 17.51
N ILE B 83 16.95 -28.38 18.40
CA ILE B 83 16.09 -29.49 18.05
C ILE B 83 14.65 -29.07 18.29
N VAL B 84 13.83 -29.15 17.24
CA VAL B 84 12.40 -28.86 17.32
C VAL B 84 11.67 -30.17 17.08
N SER B 85 10.97 -30.66 18.10
CA SER B 85 10.37 -31.98 18.09
C SER B 85 8.85 -31.89 17.99
N ASP B 86 8.25 -32.99 17.54
CA ASP B 86 6.80 -33.11 17.34
C ASP B 86 6.28 -31.97 16.47
N LEU B 87 6.79 -31.93 15.25
CA LEU B 87 6.56 -30.80 14.35
C LEU B 87 5.11 -30.72 13.91
N GLN B 88 4.53 -29.53 14.00
CA GLN B 88 3.25 -29.20 13.39
C GLN B 88 3.48 -28.20 12.26
N VAL B 89 2.44 -27.99 11.46
CA VAL B 89 2.55 -27.05 10.35
C VAL B 89 2.87 -25.65 10.86
N SER B 90 2.35 -25.29 12.03
CA SER B 90 2.59 -23.98 12.63
C SER B 90 4.02 -23.78 13.10
N ASP B 91 4.90 -24.77 12.93
CA ASP B 91 6.31 -24.62 13.24
C ASP B 91 7.12 -24.13 12.05
N SER B 92 6.51 -24.04 10.87
CA SER B 92 7.22 -23.62 9.67
C SER B 92 7.68 -22.18 9.83
N GLY B 93 8.90 -21.91 9.35
CA GLY B 93 9.44 -20.57 9.42
C GLY B 93 10.92 -20.59 9.14
N VAL B 94 11.54 -19.43 9.31
CA VAL B 94 12.98 -19.29 9.13
C VAL B 94 13.59 -19.10 10.50
N TYR B 95 14.47 -20.01 10.88
CA TYR B 95 15.08 -20.02 12.20
C TYR B 95 16.49 -19.46 12.11
N HIS B 96 16.72 -18.33 12.78
CA HIS B 96 18.02 -17.69 12.82
C HIS B 96 18.64 -17.82 14.21
N CYS B 97 19.92 -18.16 14.25
CA CYS B 97 20.68 -18.08 15.50
C CYS B 97 21.36 -16.72 15.58
N ALA B 98 21.53 -16.24 16.80
CA ALA B 98 22.03 -14.88 17.00
C ALA B 98 22.92 -14.84 18.24
N SER B 99 23.88 -13.93 18.21
CA SER B 99 24.79 -13.72 19.33
C SER B 99 25.04 -12.24 19.51
N TRP B 100 25.12 -11.81 20.77
CA TRP B 100 25.44 -10.41 21.05
C TRP B 100 26.92 -10.16 20.80
N ASP B 101 27.22 -8.97 20.26
CA ASP B 101 28.59 -8.48 20.13
C ASP B 101 28.58 -7.08 20.74
N GLY B 102 28.55 -7.03 22.07
CA GLY B 102 28.47 -5.74 22.74
C GLY B 102 27.07 -5.18 22.66
N ARG B 103 26.94 -4.11 21.89
CA ARG B 103 25.67 -3.42 21.69
C ARG B 103 24.92 -3.89 20.46
N VAL B 104 25.59 -4.56 19.53
CA VAL B 104 24.98 -5.03 18.29
C VAL B 104 24.81 -6.53 18.36
N LYS B 105 23.72 -7.02 17.76
CA LYS B 105 23.40 -8.44 17.73
C LYS B 105 23.58 -8.97 16.31
N VAL B 106 24.35 -10.04 16.17
CA VAL B 106 24.67 -10.62 14.87
C VAL B 106 23.81 -11.86 14.66
N PHE B 107 23.30 -12.03 13.44
CA PHE B 107 22.40 -13.13 13.11
C PHE B 107 23.01 -13.99 12.01
N GLY B 108 22.56 -15.24 11.95
CA GLY B 108 22.90 -16.12 10.85
C GLY B 108 21.93 -15.96 9.69
N GLU B 109 22.30 -16.54 8.54
CA GLU B 109 21.44 -16.42 7.37
C GLU B 109 20.13 -17.17 7.56
N GLY B 110 20.05 -18.05 8.54
CA GLY B 110 18.81 -18.71 8.88
C GLY B 110 18.68 -20.08 8.23
N THR B 111 17.76 -20.86 8.78
CA THR B 111 17.41 -22.16 8.22
C THR B 111 15.89 -22.21 8.10
N ARG B 112 15.39 -22.47 6.90
CA ARG B 112 13.95 -22.55 6.71
C ARG B 112 13.46 -23.94 7.09
N LEU B 113 12.50 -23.99 8.00
CA LEU B 113 11.84 -25.23 8.39
C LEU B 113 10.51 -25.31 7.68
N ILE B 114 10.32 -26.35 6.88
CA ILE B 114 9.08 -26.56 6.12
C ILE B 114 8.42 -27.81 6.66
N VAL B 115 7.24 -27.64 7.25
CA VAL B 115 6.47 -28.74 7.81
C VAL B 115 5.17 -28.82 7.02
N THR B 116 5.02 -29.87 6.22
CA THR B 116 3.85 -30.05 5.38
C THR B 116 3.14 -31.34 5.75
N GLU B 117 1.80 -31.31 5.66
CA GLU B 117 0.99 -32.51 5.85
C GLU B 117 0.92 -33.34 4.58
N SER B 118 1.75 -33.04 3.59
CA SER B 118 1.72 -33.72 2.30
C SER B 118 3.01 -34.50 2.07
N ALA B 119 2.90 -35.57 1.30
CA ALA B 119 4.10 -36.29 0.87
C ALA B 119 4.86 -35.43 -0.13
N PHE B 120 6.18 -35.43 -0.01
CA PHE B 120 7.03 -34.60 -0.86
C PHE B 120 8.16 -35.46 -1.40
N LYS B 121 8.89 -34.92 -2.39
CA LYS B 121 9.88 -35.71 -3.10
C LYS B 121 11.31 -35.25 -2.89
N LYS B 122 11.55 -33.96 -2.69
CA LYS B 122 12.91 -33.49 -2.43
C LYS B 122 13.87 -33.86 -3.56
N LYS B 123 13.79 -33.14 -4.68
CA LYS B 123 14.66 -33.37 -5.84
C LYS B 123 15.70 -32.24 -5.95
N PRO B 124 16.90 -32.55 -6.42
CA PRO B 124 17.98 -31.56 -6.41
C PRO B 124 17.93 -30.67 -7.64
N PRO B 125 18.60 -29.51 -7.59
CA PRO B 125 18.59 -28.61 -8.75
C PRO B 125 19.37 -29.19 -9.91
N LYS B 126 18.84 -28.98 -11.11
CA LYS B 126 19.49 -29.39 -12.35
C LYS B 126 19.95 -28.16 -13.12
N PRO B 127 21.24 -27.83 -13.10
CA PRO B 127 21.74 -26.61 -13.73
C PRO B 127 22.02 -26.74 -15.22
N ILE B 128 21.71 -25.68 -15.96
CA ILE B 128 22.15 -25.51 -17.33
C ILE B 128 22.74 -24.11 -17.45
N PHE B 129 23.90 -24.01 -18.10
CA PHE B 129 24.66 -22.77 -18.20
C PHE B 129 24.62 -22.20 -19.61
N PHE B 130 24.73 -20.88 -19.69
CA PHE B 130 24.84 -20.15 -20.94
C PHE B 130 26.11 -19.31 -20.88
N LEU B 131 27.01 -19.53 -21.82
CA LEU B 131 28.27 -18.81 -21.85
C LEU B 131 28.14 -17.51 -22.62
N PRO B 132 29.00 -16.53 -22.36
CA PRO B 132 28.90 -15.26 -23.09
C PRO B 132 29.20 -15.44 -24.57
N THR B 133 28.46 -14.70 -25.39
CA THR B 133 28.63 -14.73 -26.84
C THR B 133 29.65 -13.69 -27.29
N SER B 134 30.26 -13.95 -28.45
CA SER B 134 31.22 -13.00 -29.01
C SER B 134 30.55 -11.68 -29.38
N GLU B 135 29.29 -11.72 -29.80
CA GLU B 135 28.57 -10.49 -30.15
C GLU B 135 28.45 -9.56 -28.95
N GLU B 136 28.16 -10.12 -27.76
CA GLU B 136 28.03 -9.29 -26.58
C GLU B 136 29.37 -8.68 -26.19
N ILE B 137 30.44 -9.47 -26.25
CA ILE B 137 31.77 -8.95 -25.96
C ILE B 137 32.17 -7.89 -26.99
N LYS B 138 31.64 -7.99 -28.20
CA LYS B 138 31.94 -6.99 -29.22
C LYS B 138 31.22 -5.67 -28.94
N GLN B 139 29.89 -5.70 -28.86
CA GLN B 139 29.13 -4.47 -28.78
C GLN B 139 28.84 -4.00 -27.36
N LYS B 140 29.27 -4.74 -26.34
CA LYS B 140 29.18 -4.28 -24.95
C LYS B 140 30.50 -4.32 -24.18
N GLN B 141 31.56 -4.89 -24.74
CA GLN B 141 32.86 -5.01 -24.05
C GLN B 141 32.69 -5.71 -22.70
N SER B 142 31.77 -6.68 -22.65
CA SER B 142 31.47 -7.39 -21.42
C SER B 142 30.73 -8.67 -21.75
N GLY B 143 30.96 -9.70 -20.93
CA GLY B 143 30.35 -10.99 -21.12
C GLY B 143 29.38 -11.31 -19.99
N THR B 144 28.35 -12.09 -20.31
CA THR B 144 27.31 -12.45 -19.36
C THR B 144 27.21 -13.96 -19.26
N TYR B 145 27.44 -14.49 -18.07
CA TYR B 145 27.22 -15.90 -17.77
C TYR B 145 25.82 -16.06 -17.19
N ILE B 146 25.13 -17.12 -17.61
CA ILE B 146 23.77 -17.39 -17.15
C ILE B 146 23.71 -18.82 -16.61
N CYS B 147 23.04 -18.99 -15.47
CA CYS B 147 22.82 -20.31 -14.90
C CYS B 147 21.36 -20.45 -14.51
N LEU B 148 20.74 -21.53 -14.97
CA LEU B 148 19.34 -21.82 -14.69
C LEU B 148 19.27 -23.11 -13.88
N LEU B 149 18.85 -22.99 -12.62
CA LEU B 149 18.57 -24.15 -11.78
C LEU B 149 17.09 -24.47 -11.90
N GLU B 150 16.77 -25.67 -12.37
CA GLU B 150 15.39 -26.03 -12.64
C GLU B 150 15.04 -27.35 -11.97
N ASP B 151 13.75 -27.50 -11.65
CA ASP B 151 13.16 -28.74 -11.17
C ASP B 151 13.84 -29.23 -9.88
N PHE B 152 13.76 -28.40 -8.84
CA PHE B 152 14.21 -28.79 -7.52
C PHE B 152 13.11 -28.57 -6.49
N PHE B 153 13.16 -29.35 -5.42
CA PHE B 153 12.25 -29.24 -4.31
C PHE B 153 13.02 -29.55 -3.04
N PRO B 154 12.83 -28.78 -1.95
CA PRO B 154 11.90 -27.66 -1.80
C PRO B 154 12.36 -26.39 -2.49
N ASN B 155 11.58 -25.32 -2.36
CA ASN B 155 11.86 -24.07 -3.05
C ASN B 155 12.83 -23.19 -2.27
N VAL B 156 13.94 -23.78 -1.85
CA VAL B 156 14.96 -23.06 -1.09
C VAL B 156 16.31 -23.44 -1.68
N VAL B 157 17.00 -22.46 -2.25
CA VAL B 157 18.33 -22.66 -2.81
C VAL B 157 19.15 -21.43 -2.49
N LYS B 158 20.47 -21.61 -2.47
CA LYS B 158 21.39 -20.52 -2.24
C LYS B 158 22.53 -20.65 -3.24
N THR B 159 22.65 -19.67 -4.13
CA THR B 159 23.62 -19.70 -5.20
C THR B 159 24.51 -18.47 -5.09
N TYR B 160 25.73 -18.60 -5.58
CA TYR B 160 26.64 -17.46 -5.62
C TYR B 160 27.76 -17.76 -6.61
N TRP B 161 28.39 -16.68 -7.08
CA TRP B 161 29.44 -16.76 -8.07
C TRP B 161 30.73 -16.27 -7.41
N LYS B 162 31.86 -16.84 -7.83
CA LYS B 162 33.15 -16.43 -7.28
C LYS B 162 34.19 -16.36 -8.38
N GLU B 163 35.29 -15.68 -8.05
CA GLU B 163 36.43 -15.55 -8.95
C GLU B 163 37.60 -16.28 -8.30
N ASP B 164 38.32 -17.04 -9.11
CA ASP B 164 39.32 -17.99 -8.62
C ASP B 164 40.47 -17.27 -7.92
N GLY B 165 40.40 -17.23 -6.58
CA GLY B 165 41.39 -16.61 -5.72
C GLY B 165 40.82 -15.54 -4.81
N ASN B 166 39.75 -14.87 -5.23
CA ASN B 166 39.05 -13.92 -4.37
C ASN B 166 38.00 -14.68 -3.56
N SER B 167 38.12 -14.63 -2.23
CA SER B 167 37.18 -15.29 -1.32
C SER B 167 36.01 -14.38 -0.97
N GLN B 168 35.40 -13.77 -1.99
CA GLN B 168 34.22 -12.94 -1.80
C GLN B 168 33.33 -13.01 -3.03
N PRO B 169 32.10 -13.50 -2.89
CA PRO B 169 31.27 -13.75 -4.06
C PRO B 169 31.04 -12.49 -4.88
N LEU B 170 30.94 -12.66 -6.19
CA LEU B 170 30.83 -11.53 -7.08
C LEU B 170 29.41 -10.94 -7.00
N ASP B 171 29.22 -9.79 -7.62
CA ASP B 171 27.92 -9.13 -7.60
C ASP B 171 27.17 -9.60 -8.84
N ALA B 172 26.24 -10.52 -8.64
CA ALA B 172 25.44 -11.06 -9.72
C ALA B 172 23.98 -10.74 -9.46
N GLN B 173 23.15 -11.06 -10.45
CA GLN B 173 21.72 -10.83 -10.35
C GLN B 173 21.00 -12.16 -10.25
N PHE B 174 20.07 -12.25 -9.31
CA PHE B 174 19.32 -13.46 -9.07
C PHE B 174 17.85 -13.16 -9.31
N GLY B 175 17.18 -14.06 -10.02
CA GLY B 175 15.76 -13.96 -10.21
C GLY B 175 15.03 -14.65 -9.07
N PRO B 176 13.72 -14.45 -9.00
CA PRO B 176 12.96 -15.12 -7.95
C PRO B 176 12.87 -16.62 -8.20
N ILE B 177 12.58 -17.34 -7.13
CA ILE B 177 12.38 -18.79 -7.21
C ILE B 177 10.95 -19.02 -7.68
N THR B 178 10.79 -19.33 -8.96
CA THR B 178 9.49 -19.58 -9.54
C THR B 178 9.22 -21.08 -9.61
N GLY B 179 7.94 -21.43 -9.66
CA GLY B 179 7.47 -22.78 -9.81
C GLY B 179 6.39 -23.10 -8.81
N GLY B 180 5.98 -24.38 -8.80
CA GLY B 180 4.96 -24.84 -7.89
C GLY B 180 5.08 -26.34 -7.71
N GLY B 181 4.20 -26.86 -6.86
CA GLY B 181 4.20 -28.28 -6.55
C GLY B 181 5.54 -28.86 -6.16
N ASN B 182 6.05 -29.76 -7.01
CA ASN B 182 7.30 -30.45 -6.78
C ASN B 182 8.40 -29.99 -7.73
N SER B 183 8.28 -28.79 -8.30
CA SER B 183 9.27 -28.31 -9.24
C SER B 183 9.38 -26.79 -9.14
N TYR B 184 10.54 -26.33 -8.71
CA TYR B 184 10.84 -24.91 -8.61
C TYR B 184 12.12 -24.61 -9.37
N SER B 185 12.24 -23.38 -9.85
CA SER B 185 13.38 -22.98 -10.66
C SER B 185 13.84 -21.59 -10.26
N GLN B 186 15.11 -21.31 -10.52
CA GLN B 186 15.67 -19.98 -10.30
C GLN B 186 16.72 -19.73 -11.36
N VAL B 187 16.80 -18.49 -11.84
CA VAL B 187 17.78 -18.08 -12.82
C VAL B 187 18.68 -17.03 -12.19
N SER B 188 19.94 -17.01 -12.62
CA SER B 188 20.89 -16.04 -12.14
C SER B 188 21.91 -15.76 -13.23
N TRP B 189 22.30 -14.51 -13.37
CA TRP B 189 23.28 -14.16 -14.38
C TRP B 189 24.30 -13.20 -13.79
N LEU B 190 25.51 -13.24 -14.36
CA LEU B 190 26.63 -12.42 -13.90
C LEU B 190 27.31 -11.84 -15.12
N THR B 191 27.44 -10.51 -15.15
CA THR B 191 28.12 -9.82 -16.24
C THR B 191 29.49 -9.36 -15.75
N VAL B 192 30.52 -9.64 -16.55
CA VAL B 192 31.90 -9.28 -16.23
C VAL B 192 32.50 -8.57 -17.43
N LYS B 193 33.55 -7.81 -17.16
CA LYS B 193 34.15 -6.93 -18.15
C LYS B 193 35.17 -7.71 -18.98
N GLU B 194 35.81 -7.01 -19.93
CA GLU B 194 36.81 -7.66 -20.77
C GLU B 194 38.05 -8.04 -19.96
N ASP B 195 38.49 -7.15 -19.07
CA ASP B 195 39.65 -7.41 -18.22
C ASP B 195 39.35 -8.43 -17.12
N VAL B 196 38.08 -8.78 -16.92
CA VAL B 196 37.73 -9.86 -16.00
C VAL B 196 37.36 -11.13 -16.75
N LEU B 197 37.08 -11.03 -18.05
CA LEU B 197 36.87 -12.20 -18.87
C LEU B 197 38.17 -12.98 -19.02
N ARG B 198 38.04 -14.23 -19.49
CA ARG B 198 39.15 -15.17 -19.61
C ARG B 198 39.87 -15.35 -18.28
N LYS B 199 39.09 -15.36 -17.20
CA LYS B 199 39.55 -15.64 -15.85
C LYS B 199 38.65 -16.73 -15.31
N ASN B 200 39.25 -17.84 -14.87
CA ASN B 200 38.48 -19.00 -14.42
C ASN B 200 37.52 -18.66 -13.29
N LEU B 201 36.23 -18.81 -13.56
CA LEU B 201 35.14 -18.58 -12.62
C LEU B 201 34.72 -19.90 -11.97
N THR B 202 33.94 -19.79 -10.90
CA THR B 202 33.38 -20.93 -10.22
C THR B 202 31.98 -20.57 -9.73
N TYR B 203 31.06 -21.53 -9.80
CA TYR B 203 29.66 -21.30 -9.47
C TYR B 203 29.23 -22.33 -8.44
N PHE B 204 28.59 -21.85 -7.37
CA PHE B 204 28.16 -22.68 -6.26
C PHE B 204 26.65 -22.59 -6.07
N TYR B 205 26.07 -23.69 -5.61
CA TYR B 205 24.68 -23.68 -5.20
C TYR B 205 24.50 -24.68 -4.07
N GLN B 206 23.74 -24.28 -3.06
CA GLN B 206 23.46 -25.11 -1.89
C GLN B 206 21.99 -25.46 -1.90
N HIS B 207 21.68 -26.74 -1.69
CA HIS B 207 20.30 -27.19 -1.62
C HIS B 207 20.18 -28.26 -0.55
N GLU B 208 18.94 -28.46 -0.08
CA GLU B 208 18.70 -29.44 0.97
C GLU B 208 19.04 -30.84 0.51
N ASP B 209 18.74 -31.17 -0.74
CA ASP B 209 19.04 -32.50 -1.27
C ASP B 209 20.51 -32.72 -1.55
N LEU B 210 21.38 -31.77 -1.23
CA LEU B 210 22.81 -31.95 -1.40
C LEU B 210 23.57 -32.13 -0.09
N GLY B 211 22.89 -32.02 1.05
CA GLY B 211 23.59 -32.07 2.31
C GLY B 211 24.01 -30.69 2.76
N MET B 212 25.13 -30.61 3.47
CA MET B 212 25.69 -29.34 3.91
C MET B 212 26.79 -28.83 2.99
N GLU B 213 27.38 -29.70 2.16
CA GLU B 213 28.43 -29.15 1.31
C GLU B 213 27.83 -28.60 0.02
N PRO B 214 28.37 -27.50 -0.49
CA PRO B 214 27.87 -26.94 -1.75
C PRO B 214 28.37 -27.70 -2.97
N LYS B 215 27.58 -27.66 -4.02
CA LYS B 215 27.99 -28.17 -5.33
C LYS B 215 28.69 -27.06 -6.09
N ALA B 216 29.82 -27.39 -6.71
CA ALA B 216 30.67 -26.43 -7.38
C ALA B 216 30.78 -26.75 -8.86
N PHE B 217 30.84 -25.68 -9.67
CA PHE B 217 30.95 -25.76 -11.11
C PHE B 217 32.05 -24.83 -11.58
N SER B 218 32.94 -25.31 -12.43
CA SER B 218 34.07 -24.53 -12.92
C SER B 218 33.76 -24.07 -14.34
N ILE B 219 34.01 -22.78 -14.59
CA ILE B 219 33.63 -22.11 -15.84
C ILE B 219 34.84 -21.37 -16.38
N SER B 220 35.00 -21.40 -17.70
CA SER B 220 36.07 -20.65 -18.36
C SER B 220 35.58 -20.04 -19.67
N SER C 5 -47.13 -15.77 27.29
CA SER C 5 -47.17 -14.91 26.11
C SER C 5 -45.78 -14.75 25.49
N TRP C 6 -45.72 -14.06 24.36
CA TRP C 6 -44.47 -13.81 23.66
C TRP C 6 -44.34 -12.32 23.34
N ALA C 7 -43.09 -11.85 23.27
CA ALA C 7 -42.82 -10.44 23.03
C ALA C 7 -41.45 -10.29 22.40
N GLN C 8 -41.32 -9.32 21.50
CA GLN C 8 -40.06 -9.06 20.82
C GLN C 8 -39.13 -8.23 21.71
N VAL C 9 -37.86 -8.63 21.75
CA VAL C 9 -36.84 -7.81 22.39
C VAL C 9 -36.59 -6.58 21.52
N LYS C 10 -36.91 -5.40 22.04
CA LYS C 10 -36.92 -4.17 21.26
C LYS C 10 -36.33 -3.02 22.05
N LEU C 11 -35.20 -2.50 21.59
CA LEU C 11 -34.52 -1.35 22.19
C LEU C 11 -34.59 -0.16 21.23
N LEU C 12 -35.05 0.99 21.74
CA LEU C 12 -35.21 2.20 20.96
C LEU C 12 -34.41 3.34 21.60
N GLU C 13 -33.39 3.81 20.88
CA GLU C 13 -32.57 4.91 21.34
C GLU C 13 -33.21 6.26 21.01
N SER C 14 -33.10 7.19 21.95
CA SER C 14 -33.64 8.54 21.80
C SER C 14 -32.70 9.53 22.44
N GLY C 15 -32.86 10.80 22.08
CA GLY C 15 -32.08 11.86 22.70
C GLY C 15 -30.81 12.24 21.98
N GLY C 16 -30.90 12.51 20.68
CA GLY C 16 -29.78 12.97 19.91
C GLY C 16 -30.19 13.98 18.86
N LYS C 17 -29.37 15.01 18.65
CA LYS C 17 -29.70 16.08 17.72
C LYS C 17 -28.42 16.77 17.30
N VAL C 18 -28.56 17.86 16.53
CA VAL C 18 -27.42 18.65 16.08
C VAL C 18 -27.20 19.73 17.14
N THR C 19 -26.16 19.52 17.94
CA THR C 19 -25.77 20.44 19.00
C THR C 19 -24.37 20.98 18.70
N HIS C 20 -23.85 21.79 19.62
CA HIS C 20 -22.59 22.49 19.43
C HIS C 20 -21.54 21.94 20.41
N GLU C 21 -20.27 22.21 20.07
CA GLU C 21 -19.15 21.60 20.79
C GLU C 21 -19.24 21.82 22.30
N GLY C 22 -19.56 23.03 22.72
CA GLY C 22 -19.61 23.34 24.14
C GLY C 22 -20.98 23.19 24.79
N GLN C 23 -21.72 22.12 24.45
CA GLN C 23 -23.06 21.93 24.96
C GLN C 23 -23.17 20.61 25.72
N SER C 24 -24.40 20.26 26.08
CA SER C 24 -24.69 19.03 26.81
C SER C 24 -25.86 18.28 26.16
N VAL C 25 -25.81 16.96 26.22
CA VAL C 25 -26.87 16.10 25.70
C VAL C 25 -26.96 14.86 26.57
N THR C 26 -28.18 14.35 26.73
CA THR C 26 -28.45 13.15 27.51
C THR C 26 -29.28 12.18 26.67
N LEU C 27 -28.74 10.99 26.44
CA LEU C 27 -29.31 10.01 25.52
C LEU C 27 -30.12 8.97 26.30
N THR C 28 -31.30 8.64 25.79
CA THR C 28 -32.22 7.70 26.43
C THR C 28 -32.42 6.45 25.57
N CYS C 29 -32.83 5.36 26.23
CA CYS C 29 -33.04 4.07 25.55
C CYS C 29 -34.16 3.32 26.24
N LYS C 30 -35.26 3.09 25.53
CA LYS C 30 -36.44 2.41 26.05
C LYS C 30 -36.37 0.91 25.75
N ALA C 31 -36.55 0.10 26.79
CA ALA C 31 -36.45 -1.36 26.69
C ALA C 31 -37.83 -2.00 26.79
N SER C 32 -38.18 -2.82 25.79
CA SER C 32 -39.47 -3.52 25.75
C SER C 32 -39.25 -4.99 25.45
N GLY C 33 -39.90 -5.86 26.22
CA GLY C 33 -40.01 -7.26 25.86
C GLY C 33 -39.18 -8.26 26.67
N PHE C 34 -38.51 -7.83 27.73
CA PHE C 34 -37.69 -8.76 28.51
C PHE C 34 -37.59 -8.25 29.94
N ASN C 35 -37.07 -9.11 30.82
CA ASN C 35 -36.92 -8.75 32.23
C ASN C 35 -35.83 -7.69 32.33
N PHE C 36 -36.24 -6.42 32.38
CA PHE C 36 -35.26 -5.33 32.34
C PHE C 36 -34.34 -5.36 33.55
N LYS C 37 -34.86 -5.79 34.71
CA LYS C 37 -34.07 -5.78 35.93
C LYS C 37 -32.92 -6.78 35.85
N ASP C 38 -33.21 -8.00 35.38
CA ASP C 38 -32.23 -9.08 35.49
C ASP C 38 -30.97 -8.80 34.68
N TYR C 39 -31.10 -8.16 33.52
CA TYR C 39 -29.99 -8.01 32.60
C TYR C 39 -29.33 -6.65 32.76
N ASP C 40 -28.03 -6.61 32.48
CA ASP C 40 -27.27 -5.36 32.49
C ASP C 40 -27.34 -4.69 31.12
N MET C 41 -27.22 -3.37 31.13
CA MET C 41 -27.32 -2.58 29.91
C MET C 41 -25.98 -1.92 29.60
N SER C 42 -25.87 -1.41 28.37
CA SER C 42 -24.64 -0.76 27.92
C SER C 42 -24.97 0.18 26.77
N TRP C 43 -24.03 1.07 26.47
CA TRP C 43 -24.13 1.99 25.36
C TRP C 43 -22.96 1.79 24.41
N HIS C 44 -23.24 1.87 23.12
CA HIS C 44 -22.22 1.78 22.07
C HIS C 44 -22.25 3.06 21.24
N TRP C 45 -21.19 3.25 20.46
CA TRP C 45 -21.04 4.44 19.65
C TRP C 45 -20.38 4.08 18.34
N SER C 46 -20.85 4.71 17.25
CA SER C 46 -20.29 4.48 15.92
C SER C 46 -19.92 5.83 15.31
N PRO C 47 -18.64 6.04 14.92
CA PRO C 47 -18.25 7.34 14.35
C PRO C 47 -18.92 7.66 13.03
N SER C 48 -18.68 6.81 12.02
CA SER C 48 -19.29 6.96 10.70
C SER C 48 -19.93 5.69 10.18
N GLY C 49 -19.30 4.53 10.41
CA GLY C 49 -19.84 3.27 9.93
C GLY C 49 -20.10 2.29 11.05
N SER C 50 -20.27 1.01 10.72
CA SER C 50 -20.59 -0.02 11.73
C SER C 50 -19.29 -0.49 12.37
N ASN C 51 -18.84 0.28 13.36
CA ASN C 51 -17.60 0.05 14.07
C ASN C 51 -17.82 0.28 15.56
N ARG C 52 -18.91 -0.29 16.09
CA ARG C 52 -19.32 -0.03 17.46
C ARG C 52 -18.23 -0.33 18.48
N GLN C 53 -18.05 0.59 19.41
CA GLN C 53 -17.13 0.44 20.54
C GLN C 53 -17.93 0.49 21.84
N LEU C 54 -17.55 -0.36 22.80
CA LEU C 54 -18.17 -0.34 24.12
C LEU C 54 -17.72 0.92 24.85
N VAL C 55 -18.65 1.86 25.06
CA VAL C 55 -18.32 3.13 25.68
C VAL C 55 -18.84 3.25 27.11
N ALA C 56 -19.92 2.55 27.47
CA ALA C 56 -20.46 2.62 28.82
C ALA C 56 -21.21 1.33 29.12
N SER C 57 -21.22 0.96 30.40
CA SER C 57 -21.95 -0.23 30.84
C SER C 57 -22.47 0.01 32.25
N ILE C 58 -23.74 -0.33 32.47
CA ILE C 58 -24.40 -0.19 33.75
C ILE C 58 -24.77 -1.58 34.25
N SER C 59 -24.83 -1.73 35.57
CA SER C 59 -25.05 -3.05 36.14
C SER C 59 -26.53 -3.39 36.17
N SER C 60 -26.84 -4.59 36.65
CA SER C 60 -28.19 -5.13 36.55
C SER C 60 -29.07 -4.57 37.67
N LYS C 61 -30.12 -3.84 37.28
CA LYS C 61 -31.19 -3.39 38.16
C LYS C 61 -30.71 -2.61 39.38
N THR C 62 -29.43 -2.26 39.42
CA THR C 62 -28.91 -1.61 40.61
C THR C 62 -28.08 -0.37 40.29
N GLY C 63 -27.37 -0.37 39.17
CA GLY C 63 -26.36 0.66 39.14
C GLY C 63 -25.27 0.30 40.14
N SER C 64 -24.44 1.30 40.45
CA SER C 64 -23.36 1.23 41.44
C SER C 64 -22.17 0.44 40.90
N LYS C 65 -22.37 -0.30 39.82
CA LYS C 65 -21.30 -0.96 39.10
C LYS C 65 -21.36 -0.36 37.70
N THR C 66 -20.63 0.73 37.49
CA THR C 66 -20.61 1.44 36.22
C THR C 66 -19.19 1.51 35.65
N GLU C 67 -19.03 1.07 34.42
CA GLU C 67 -17.74 1.06 33.74
C GLU C 67 -17.83 1.94 32.51
N TYR C 68 -16.94 2.92 32.43
CA TYR C 68 -16.84 3.82 31.30
C TYR C 68 -15.59 3.48 30.48
N LYS C 69 -15.55 4.00 29.22
CA LYS C 69 -14.36 3.74 28.42
C LYS C 69 -13.36 4.89 28.55
N PRO C 70 -12.07 4.62 28.34
CA PRO C 70 -11.07 5.70 28.43
C PRO C 70 -11.28 6.82 27.41
N ARG C 71 -12.17 6.65 26.43
CA ARG C 71 -12.46 7.71 25.47
C ARG C 71 -13.32 8.80 26.09
N ILE C 72 -14.22 8.43 27.00
CA ILE C 72 -15.18 9.34 27.62
C ILE C 72 -15.13 9.20 29.13
N GLN C 73 -13.96 8.83 29.67
CA GLN C 73 -13.83 8.43 31.07
C GLN C 73 -14.45 9.45 32.03
N GLY C 74 -14.13 10.72 31.86
CA GLY C 74 -14.49 11.75 32.81
C GLY C 74 -15.65 12.67 32.45
N ARG C 75 -16.39 12.40 31.37
CA ARG C 75 -17.41 13.34 30.92
C ARG C 75 -18.78 12.68 30.72
N ALA C 76 -19.01 11.50 31.28
CA ALA C 76 -20.28 10.79 31.11
C ALA C 76 -20.86 10.39 32.46
N TYR C 77 -22.17 10.15 32.46
CA TYR C 77 -22.87 9.65 33.65
C TYR C 77 -24.07 8.84 33.16
N ILE C 78 -24.05 7.54 33.41
CA ILE C 78 -25.07 6.61 32.93
C ILE C 78 -25.96 6.21 34.11
N THR C 79 -27.27 6.14 33.85
CA THR C 79 -28.25 5.77 34.87
C THR C 79 -29.34 4.94 34.20
N ARG C 80 -30.06 4.16 35.02
CA ARG C 80 -31.15 3.33 34.54
C ARG C 80 -32.36 3.48 35.45
N ASN C 81 -33.55 3.57 34.84
CA ASN C 81 -34.81 3.59 35.58
C ASN C 81 -35.53 2.28 35.33
N ASN C 82 -35.62 1.43 36.36
CA ASN C 82 -36.24 0.12 36.23
C ASN C 82 -37.76 0.14 36.19
N GLU C 83 -38.39 1.28 36.51
CA GLU C 83 -39.85 1.36 36.39
C GLU C 83 -40.26 1.69 34.97
N ALA C 84 -39.57 2.61 34.30
CA ALA C 84 -39.82 2.93 32.91
C ALA C 84 -38.97 2.10 31.95
N ASN C 85 -38.11 1.22 32.48
CA ASN C 85 -37.22 0.38 31.67
C ASN C 85 -36.43 1.23 30.67
N THR C 86 -35.74 2.24 31.20
CA THR C 86 -34.95 3.16 30.40
C THR C 86 -33.57 3.38 30.99
N VAL C 87 -32.56 3.38 30.12
CA VAL C 87 -31.18 3.62 30.49
C VAL C 87 -30.74 4.90 29.80
N SER C 88 -30.09 5.79 30.53
CA SER C 88 -29.73 7.11 30.03
C SER C 88 -28.27 7.44 30.24
N LEU C 89 -27.66 8.08 29.24
CA LEU C 89 -26.26 8.48 29.26
C LEU C 89 -26.17 9.97 28.94
N THR C 90 -25.48 10.71 29.81
CA THR C 90 -25.33 12.16 29.69
C THR C 90 -23.93 12.54 29.22
N LEU C 91 -23.83 13.59 28.41
CA LEU C 91 -22.57 13.99 27.78
C LEU C 91 -22.38 15.50 27.89
N ILE C 92 -21.56 15.93 28.85
CA ILE C 92 -21.27 17.35 29.06
C ILE C 92 -20.04 17.71 28.26
N GLN C 93 -20.02 18.94 27.71
CA GLN C 93 -18.85 19.51 27.06
C GLN C 93 -18.29 18.55 26.00
N LEU C 94 -19.10 18.31 24.97
CA LEU C 94 -18.78 17.31 23.96
C LEU C 94 -17.46 17.62 23.28
N ARG C 95 -16.80 16.58 22.78
CA ARG C 95 -15.50 16.72 22.16
C ARG C 95 -15.70 17.17 20.71
N LYS C 96 -14.62 17.20 19.94
CA LYS C 96 -14.66 17.67 18.56
C LYS C 96 -15.08 16.53 17.64
N GLU C 97 -16.31 16.62 17.12
CA GLU C 97 -16.82 15.65 16.16
C GLU C 97 -16.93 14.25 16.74
N ASP C 98 -16.60 14.08 18.03
CA ASP C 98 -16.65 12.74 18.61
C ASP C 98 -18.06 12.33 18.97
N SER C 99 -19.00 12.63 18.07
CA SER C 99 -20.38 12.17 18.19
C SER C 99 -20.81 11.64 16.83
N GLY C 100 -21.36 10.43 16.80
CA GLY C 100 -21.92 9.82 15.61
C GLY C 100 -23.29 9.27 15.93
N ILE C 101 -23.46 7.96 15.72
CA ILE C 101 -24.68 7.26 16.09
C ILE C 101 -24.35 6.40 17.29
N TYR C 102 -25.12 6.55 18.35
CA TYR C 102 -24.92 5.80 19.59
C TYR C 102 -25.99 4.73 19.71
N TYR C 103 -25.58 3.53 20.11
CA TYR C 103 -26.46 2.38 20.18
C TYR C 103 -26.64 1.93 21.62
N CYS C 104 -27.70 1.14 21.82
CA CYS C 104 -28.08 0.61 23.13
C CYS C 104 -28.06 -0.90 23.04
N ALA C 105 -27.34 -1.54 23.95
CA ALA C 105 -27.10 -2.97 23.89
C ALA C 105 -27.56 -3.65 25.18
N LYS C 106 -27.82 -4.95 25.06
CA LYS C 106 -28.29 -5.77 26.17
C LYS C 106 -27.40 -7.00 26.32
N LEU C 107 -27.02 -7.29 27.56
CA LEU C 107 -26.20 -8.46 27.86
C LEU C 107 -26.94 -9.75 27.56
N GLU C 108 -26.24 -10.69 26.91
CA GLU C 108 -26.85 -11.96 26.53
C GLU C 108 -27.51 -12.66 27.71
N ASN C 109 -26.85 -12.69 28.86
CA ASN C 109 -27.36 -13.36 30.05
C ASN C 109 -27.47 -12.39 31.22
N VAL C 110 -28.38 -12.71 32.14
CA VAL C 110 -28.52 -11.90 33.35
C VAL C 110 -27.31 -12.09 34.26
N GLY C 111 -26.80 -13.30 34.34
CA GLY C 111 -25.65 -13.59 35.19
C GLY C 111 -25.69 -14.98 35.78
N ILE C 118 -20.70 -10.54 32.83
CA ILE C 118 -19.34 -10.45 32.34
C ILE C 118 -19.16 -11.36 31.14
N ARG C 119 -19.50 -10.89 29.94
CA ARG C 119 -19.32 -11.69 28.74
C ARG C 119 -18.89 -10.82 27.57
N GLU C 120 -18.35 -11.48 26.54
CA GLU C 120 -17.93 -10.86 25.30
C GLU C 120 -19.05 -10.76 24.27
N GLN C 121 -20.31 -10.77 24.71
CA GLN C 121 -21.45 -10.86 23.79
C GLN C 121 -22.51 -9.84 24.17
N TRP C 122 -22.52 -8.71 23.47
CA TRP C 122 -23.55 -7.69 23.59
C TRP C 122 -24.46 -7.80 22.37
N GLY C 123 -25.78 -7.78 22.60
CA GLY C 123 -26.70 -7.93 21.50
C GLY C 123 -27.96 -7.10 21.58
N ASN C 124 -28.91 -7.36 20.69
CA ASN C 124 -30.18 -6.65 20.64
C ASN C 124 -29.97 -5.15 20.48
N PHE C 125 -29.15 -4.78 19.50
CA PHE C 125 -28.91 -3.38 19.23
C PHE C 125 -30.17 -2.75 18.64
N GLY C 126 -30.21 -1.42 18.63
CA GLY C 126 -31.33 -0.72 18.07
C GLY C 126 -30.96 0.14 16.88
N PRO C 127 -31.87 1.02 16.47
CA PRO C 127 -31.57 1.90 15.32
C PRO C 127 -30.59 3.01 15.63
N GLY C 128 -30.35 3.30 16.91
CA GLY C 128 -29.46 4.38 17.29
C GLY C 128 -30.09 5.74 17.10
N THR C 129 -29.36 6.76 17.55
CA THR C 129 -29.74 8.16 17.37
C THR C 129 -28.54 8.96 16.88
N LYS C 130 -28.80 9.89 15.97
CA LYS C 130 -27.74 10.68 15.35
C LYS C 130 -27.44 11.88 16.25
N LEU C 131 -26.23 11.89 16.81
CA LEU C 131 -25.71 13.04 17.54
C LEU C 131 -24.51 13.58 16.78
N THR C 132 -24.63 14.81 16.29
CA THR C 132 -23.57 15.47 15.54
C THR C 132 -23.27 16.81 16.21
N VAL C 133 -22.06 16.96 16.72
CA VAL C 133 -21.66 18.20 17.37
C VAL C 133 -21.03 19.13 16.33
N LEU C 134 -21.59 20.32 16.19
CA LEU C 134 -20.97 21.21 15.24
C LEU C 134 -19.85 21.99 15.93
N PRO C 135 -18.77 22.28 15.20
CA PRO C 135 -17.66 23.03 15.82
C PRO C 135 -18.07 24.45 16.15
N LEU C 136 -17.52 24.96 17.25
CA LEU C 136 -17.79 26.33 17.68
C LEU C 136 -17.13 27.37 16.77
N GLU C 137 -16.54 26.95 15.66
CA GLU C 137 -15.86 27.87 14.75
C GLU C 137 -16.03 27.34 13.33
N LYS C 138 -16.87 28.02 12.54
CA LYS C 138 -17.18 27.58 11.18
C LYS C 138 -16.24 28.28 10.20
N THR C 139 -15.32 27.52 9.61
CA THR C 139 -14.35 28.06 8.67
C THR C 139 -15.05 28.51 7.39
N LEU C 140 -14.96 29.81 7.09
CA LEU C 140 -15.50 30.37 5.86
C LEU C 140 -14.41 31.15 5.15
N LEU C 141 -14.15 30.79 3.89
CA LEU C 141 -13.12 31.43 3.08
C LEU C 141 -13.75 31.96 1.80
N THR C 142 -13.58 33.25 1.55
CA THR C 142 -14.18 33.93 0.41
C THR C 142 -13.08 34.53 -0.45
N GLU C 143 -12.85 33.96 -1.63
CA GLU C 143 -11.86 34.48 -2.56
C GLU C 143 -12.50 35.53 -3.47
N SER C 144 -11.67 36.44 -3.97
CA SER C 144 -12.12 37.50 -4.86
C SER C 144 -10.91 38.04 -5.61
N GLY C 145 -11.20 38.79 -6.66
CA GLY C 145 -10.16 39.40 -7.47
C GLY C 145 -9.81 38.68 -8.75
N GLY C 146 -10.55 37.63 -9.11
CA GLY C 146 -10.26 36.87 -10.30
C GLY C 146 -11.07 37.33 -11.50
N GLY C 147 -10.47 37.22 -12.68
CA GLY C 147 -11.12 37.61 -13.91
C GLY C 147 -10.24 37.40 -15.12
N THR C 148 -10.37 38.26 -16.11
CA THR C 148 -9.58 38.19 -17.33
C THR C 148 -8.39 39.15 -17.21
N TYR C 149 -7.18 38.61 -17.29
CA TYR C 149 -5.97 39.39 -17.18
C TYR C 149 -5.14 39.26 -18.45
N GLN C 150 -4.20 40.18 -18.61
CA GLN C 150 -3.31 40.19 -19.77
C GLN C 150 -1.93 39.69 -19.38
N ALA C 151 -1.28 38.98 -20.31
CA ALA C 151 0.03 38.40 -20.04
C ALA C 151 1.04 39.48 -19.69
N GLY C 152 1.87 39.20 -18.69
CA GLY C 152 2.84 40.14 -18.20
C GLY C 152 2.35 41.02 -17.06
N LYS C 153 1.03 41.14 -16.88
CA LYS C 153 0.48 41.92 -15.78
C LYS C 153 0.73 41.19 -14.46
N THR C 154 0.28 41.82 -13.37
CA THR C 154 0.45 41.28 -12.03
C THR C 154 -0.91 40.92 -11.44
N LEU C 155 -1.06 39.67 -11.03
CA LEU C 155 -2.31 39.20 -10.43
C LEU C 155 -2.33 39.52 -8.95
N SER C 156 -3.48 39.97 -8.47
CA SER C 156 -3.66 40.31 -7.06
C SER C 156 -5.00 39.78 -6.60
N LEU C 157 -4.98 38.82 -5.65
CA LEU C 157 -6.18 38.18 -5.15
C LEU C 157 -6.30 38.39 -3.64
N LYS C 158 -7.54 38.33 -3.15
CA LYS C 158 -7.82 38.51 -1.74
C LYS C 158 -8.74 37.39 -1.26
N CYS C 159 -8.46 36.87 -0.07
CA CYS C 159 -9.26 35.84 0.57
C CYS C 159 -9.69 36.37 1.93
N GLN C 160 -10.99 36.59 2.09
CA GLN C 160 -11.55 37.07 3.35
C GLN C 160 -11.96 35.88 4.20
N THR C 161 -11.32 35.73 5.36
CA THR C 161 -11.58 34.62 6.26
C THR C 161 -12.54 35.06 7.38
N SER C 162 -13.14 34.07 8.01
CA SER C 162 -14.06 34.31 9.11
C SER C 162 -14.33 33.00 9.83
N GLY C 163 -14.70 33.11 11.10
CA GLY C 163 -15.11 31.94 11.86
C GLY C 163 -14.00 31.09 12.42
N PHE C 164 -12.80 31.65 12.60
CA PHE C 164 -11.72 30.93 13.26
C PHE C 164 -10.63 31.91 13.66
N GLN C 165 -9.84 31.52 14.66
CA GLN C 165 -8.70 32.30 15.11
C GLN C 165 -7.73 32.54 13.97
N PHE C 166 -7.58 33.79 13.55
CA PHE C 166 -6.78 34.13 12.38
C PHE C 166 -5.31 34.30 12.71
N LYS C 167 -4.99 34.84 13.88
CA LYS C 167 -3.60 35.12 14.22
C LYS C 167 -2.76 33.85 14.24
N THR C 168 -3.34 32.73 14.64
CA THR C 168 -2.63 31.46 14.73
C THR C 168 -3.02 30.49 13.63
N SER C 169 -3.70 30.96 12.59
CA SER C 169 -4.13 30.08 11.52
C SER C 169 -2.98 29.80 10.56
N GLN C 170 -3.23 28.89 9.62
N GLN C 170 -3.19 28.83 9.68
CA GLN C 170 -2.25 28.48 8.61
CA GLN C 170 -2.25 28.49 8.61
C GLN C 170 -2.96 28.41 7.27
C GLN C 170 -3.03 28.46 7.30
N LEU C 171 -2.69 29.37 6.40
CA LEU C 171 -3.42 29.54 5.16
C LEU C 171 -2.51 29.34 3.95
N ASP C 172 -3.12 28.97 2.83
CA ASP C 172 -2.39 28.60 1.63
C ASP C 172 -3.22 28.95 0.40
N TRP C 173 -2.53 29.18 -0.71
CA TRP C 173 -3.15 29.41 -2.01
C TRP C 173 -2.83 28.22 -2.90
N TYR C 174 -3.87 27.57 -3.44
CA TYR C 174 -3.72 26.44 -4.33
C TYR C 174 -4.32 26.75 -5.69
N LEU C 175 -3.70 26.19 -6.73
CA LEU C 175 -4.10 26.42 -8.12
C LEU C 175 -4.77 25.15 -8.64
N TRP C 176 -6.08 25.22 -8.84
CA TRP C 176 -6.88 24.09 -9.31
C TRP C 176 -7.21 24.31 -10.78
N THR C 177 -6.32 23.89 -11.65
CA THR C 177 -6.59 23.97 -13.08
C THR C 177 -7.26 22.69 -13.56
N PRO C 178 -8.41 22.78 -14.21
CA PRO C 178 -9.05 21.57 -14.74
C PRO C 178 -8.11 20.77 -15.62
N GLY C 179 -8.00 19.48 -15.30
CA GLY C 179 -7.12 18.58 -16.01
C GLY C 179 -5.73 18.45 -15.42
N HIS C 180 -5.42 19.20 -14.36
CA HIS C 180 -4.11 19.17 -13.74
C HIS C 180 -4.23 18.85 -12.26
N ALA C 181 -3.13 18.42 -11.68
CA ALA C 181 -3.09 18.20 -10.25
C ALA C 181 -3.13 19.56 -9.54
N PRO C 182 -3.96 19.72 -8.52
CA PRO C 182 -3.93 20.98 -7.74
C PRO C 182 -2.54 21.27 -7.23
N LEU C 183 -2.09 22.51 -7.44
CA LEU C 183 -0.73 22.91 -7.15
C LEU C 183 -0.70 23.87 -5.98
N TRP C 184 0.27 23.68 -5.09
CA TRP C 184 0.53 24.62 -4.01
C TRP C 184 1.36 25.78 -4.55
N LEU C 185 0.85 27.00 -4.39
CA LEU C 185 1.55 28.19 -4.85
C LEU C 185 2.34 28.85 -3.72
N THR C 186 1.64 29.23 -2.66
CA THR C 186 2.29 29.93 -1.55
C THR C 186 1.44 29.76 -0.31
N GLY C 187 2.04 30.07 0.84
CA GLY C 187 1.35 29.97 2.09
C GLY C 187 2.09 30.70 3.20
N LEU C 188 1.35 31.20 4.19
CA LEU C 188 1.95 31.93 5.29
C LEU C 188 1.35 31.47 6.60
N ASN C 189 2.16 31.48 7.65
CA ASN C 189 1.60 31.35 8.98
C ASN C 189 2.22 32.41 9.89
N SER C 190 1.97 32.32 11.20
CA SER C 190 2.23 33.43 12.11
C SER C 190 3.67 33.90 12.09
N SER C 191 4.61 33.10 11.58
CA SER C 191 6.02 33.45 11.64
C SER C 191 6.65 33.65 10.26
N SER C 192 6.44 32.72 9.33
CA SER C 192 7.12 32.77 8.04
C SER C 192 6.14 32.45 6.92
N THR C 193 6.59 32.70 5.69
CA THR C 193 5.81 32.44 4.49
C THR C 193 6.70 31.74 3.46
N ASP C 194 6.07 30.89 2.66
CA ASP C 194 6.76 30.12 1.63
C ASP C 194 6.09 30.32 0.29
N ALA C 195 6.87 30.17 -0.77
CA ALA C 195 6.37 30.34 -2.13
C ALA C 195 7.14 29.43 -3.07
N THR C 196 6.44 28.87 -4.05
CA THR C 196 7.08 27.97 -5.02
C THR C 196 7.92 28.72 -6.05
N GLU C 197 7.64 30.01 -6.27
CA GLU C 197 8.39 30.81 -7.23
C GLU C 197 8.61 32.19 -6.65
N GLY C 198 9.53 32.94 -7.27
CA GLY C 198 9.84 34.28 -6.80
C GLY C 198 8.77 35.30 -7.15
N ARG C 199 8.09 35.12 -8.29
CA ARG C 199 7.01 36.03 -8.65
C ARG C 199 5.77 35.80 -7.78
N ILE C 200 5.61 34.60 -7.24
CA ILE C 200 4.48 34.26 -6.39
C ILE C 200 4.80 34.66 -4.96
N THR C 201 3.93 35.45 -4.35
CA THR C 201 4.09 35.88 -2.97
C THR C 201 2.72 35.97 -2.31
N SER C 202 2.73 35.99 -0.98
CA SER C 202 1.50 36.13 -0.20
C SER C 202 1.78 37.02 1.00
N SER C 203 0.75 37.78 1.39
CA SER C 203 0.81 38.64 2.57
C SER C 203 -0.51 38.53 3.30
N ARG C 204 -0.50 38.97 4.55
CA ARG C 204 -1.68 38.88 5.41
C ARG C 204 -2.09 40.26 5.94
N GLU C 205 -3.39 40.46 6.05
CA GLU C 205 -3.97 41.66 6.65
C GLU C 205 -4.53 41.24 8.00
N ASP C 206 -3.75 41.48 9.06
CA ASP C 206 -4.12 40.99 10.39
C ASP C 206 -5.36 41.66 10.95
N ASN C 207 -5.68 42.88 10.51
CA ASN C 207 -6.82 43.59 11.08
C ASN C 207 -8.15 43.09 10.50
N LYS C 208 -8.19 42.79 9.21
CA LYS C 208 -9.42 42.38 8.55
C LYS C 208 -9.55 40.87 8.39
N ASN C 209 -8.60 40.10 8.93
CA ASN C 209 -8.56 38.64 8.76
C ASN C 209 -8.55 38.26 7.28
N GLN C 210 -7.58 38.84 6.55
CA GLN C 210 -7.47 38.65 5.12
C GLN C 210 -6.07 38.15 4.76
N ILE C 211 -6.00 37.38 3.68
CA ILE C 211 -4.74 36.93 3.11
C ILE C 211 -4.75 37.30 1.62
N PHE C 212 -3.57 37.59 1.09
CA PHE C 212 -3.45 38.07 -0.28
C PHE C 212 -2.52 37.17 -1.09
N LEU C 213 -2.70 37.22 -2.41
CA LEU C 213 -1.86 36.50 -3.36
C LEU C 213 -1.45 37.47 -4.46
N GLN C 214 -0.17 37.48 -4.80
CA GLN C 214 0.35 38.35 -5.85
C GLN C 214 1.28 37.55 -6.75
N ILE C 215 0.96 37.52 -8.05
CA ILE C 215 1.78 36.83 -9.05
C ILE C 215 2.18 37.85 -10.10
N GLU C 216 3.48 38.13 -10.20
CA GLU C 216 3.99 39.12 -11.14
C GLU C 216 4.38 38.45 -12.45
N ASP C 217 4.26 39.22 -13.54
CA ASP C 217 4.60 38.76 -14.89
C ASP C 217 3.80 37.49 -15.25
N LEU C 218 2.49 37.67 -15.33
CA LEU C 218 1.59 36.55 -15.60
C LEU C 218 1.92 35.88 -16.93
N GLY C 219 1.84 34.56 -16.95
CA GLY C 219 2.03 33.77 -18.15
C GLY C 219 0.74 33.11 -18.58
N LEU C 220 0.80 32.46 -19.74
CA LEU C 220 -0.38 31.78 -20.27
C LEU C 220 -0.83 30.64 -19.35
N ARG C 221 0.12 29.93 -18.77
CA ARG C 221 -0.18 28.75 -17.95
C ARG C 221 -0.67 29.12 -16.55
N ASP C 222 -0.98 30.38 -16.29
CA ASP C 222 -1.46 30.82 -14.99
C ASP C 222 -2.98 30.91 -14.92
N SER C 223 -3.68 30.41 -15.92
CA SER C 223 -5.14 30.40 -15.90
C SER C 223 -5.67 29.22 -15.10
N GLY C 224 -6.80 29.43 -14.44
CA GLY C 224 -7.45 28.38 -13.69
C GLY C 224 -8.15 28.95 -12.47
N GLN C 225 -8.50 28.03 -11.57
CA GLN C 225 -9.22 28.37 -10.35
C GLN C 225 -8.23 28.49 -9.20
N TYR C 226 -8.21 29.64 -8.55
CA TYR C 226 -7.29 29.93 -7.46
C TYR C 226 -8.03 29.80 -6.13
N HIS C 227 -7.61 28.83 -5.31
CA HIS C 227 -8.32 28.47 -4.10
C HIS C 227 -7.55 28.90 -2.85
N CYS C 228 -8.30 29.39 -1.86
CA CYS C 228 -7.78 29.72 -0.54
C CYS C 228 -8.03 28.53 0.38
N ALA C 229 -6.97 28.03 0.99
CA ALA C 229 -7.06 26.82 1.81
C ALA C 229 -6.54 27.09 3.21
N ARG C 230 -7.07 26.32 4.17
CA ARG C 230 -6.65 26.39 5.56
C ARG C 230 -6.36 24.98 6.07
N ARG C 231 -5.28 24.83 6.81
CA ARG C 231 -4.91 23.55 7.40
C ARG C 231 -5.65 23.37 8.72
N VAL C 232 -6.41 22.29 8.84
CA VAL C 232 -7.24 22.01 10.02
C VAL C 232 -6.94 20.60 10.50
N GLY C 233 -6.69 20.46 11.80
CA GLY C 233 -6.44 19.16 12.39
C GLY C 233 -5.60 19.29 13.65
N ASN C 234 -5.00 18.17 14.04
CA ASN C 234 -4.21 18.12 15.27
C ASN C 234 -2.80 18.68 15.09
N GLY C 235 -2.35 18.84 13.85
CA GLY C 235 -0.99 19.27 13.55
C GLY C 235 -0.15 18.24 12.84
N ASP C 236 -0.55 16.97 12.88
CA ASP C 236 0.19 15.90 12.23
C ASP C 236 -0.25 15.76 10.78
N ASP C 237 0.16 14.67 10.12
CA ASP C 237 -0.16 14.45 8.73
C ASP C 237 -1.61 14.02 8.51
N THR C 238 -2.41 13.93 9.55
CA THR C 238 -3.84 13.68 9.41
C THR C 238 -4.63 14.96 9.20
N ASP C 239 -3.97 16.12 9.18
CA ASP C 239 -4.66 17.38 8.94
C ASP C 239 -5.22 17.40 7.52
N LYS C 240 -6.25 18.22 7.33
CA LYS C 240 -6.89 18.37 6.04
C LYS C 240 -6.88 19.84 5.63
N LEU C 241 -6.99 20.07 4.33
CA LEU C 241 -7.14 21.41 3.79
C LEU C 241 -8.62 21.70 3.59
N VAL C 242 -9.06 22.84 4.11
CA VAL C 242 -10.43 23.32 3.90
C VAL C 242 -10.37 24.42 2.85
N PHE C 243 -10.98 24.17 1.70
CA PHE C 243 -10.85 25.05 0.56
C PHE C 243 -12.03 26.00 0.45
N GLY C 244 -11.75 27.24 0.09
CA GLY C 244 -12.80 28.15 -0.33
C GLY C 244 -13.31 27.82 -1.72
N LEU C 245 -14.38 28.50 -2.12
CA LEU C 245 -14.98 28.19 -3.41
C LEU C 245 -14.08 28.59 -4.58
N GLY C 246 -13.07 29.43 -4.34
CA GLY C 246 -12.12 29.80 -5.37
C GLY C 246 -12.61 30.96 -6.23
N THR C 247 -11.80 31.27 -7.23
CA THR C 247 -12.13 32.34 -8.17
C THR C 247 -11.41 32.07 -9.49
N ARG C 248 -12.12 32.27 -10.59
CA ARG C 248 -11.59 31.95 -11.91
C ARG C 248 -10.67 33.06 -12.41
N VAL C 249 -9.55 32.66 -13.01
CA VAL C 249 -8.60 33.59 -13.61
C VAL C 249 -8.33 33.15 -15.03
N ILE C 250 -8.53 34.07 -15.99
CA ILE C 250 -8.27 33.82 -17.40
C ILE C 250 -7.17 34.77 -17.85
N VAL C 251 -6.17 34.24 -18.55
CA VAL C 251 -5.03 35.01 -19.01
C VAL C 251 -5.11 35.15 -20.52
N GLU C 252 -5.20 36.40 -21.00
CA GLU C 252 -5.12 36.79 -22.39
C GLU C 252 -3.71 37.22 -22.74
N PRO C 253 -3.28 37.01 -23.99
CA PRO C 253 -2.00 37.60 -24.42
C PRO C 253 -2.13 39.11 -24.54
N ARG C 254 -1.07 39.81 -24.14
CA ARG C 254 -1.12 41.26 -24.12
C ARG C 254 -1.28 41.81 -25.54
N PRO C 255 -1.85 43.02 -25.67
CA PRO C 255 -2.05 43.60 -27.00
C PRO C 255 -0.76 43.64 -27.81
N GLN C 256 -0.85 43.17 -29.04
CA GLN C 256 0.28 43.09 -29.96
C GLN C 256 -0.03 43.89 -31.21
N ALA C 257 0.99 44.06 -32.04
CA ALA C 257 0.80 44.73 -33.32
C ALA C 257 -0.02 43.83 -34.25
N PRO C 258 -0.95 44.41 -35.03
CA PRO C 258 -1.78 43.58 -35.91
C PRO C 258 -0.94 42.76 -36.87
N LEU C 259 -1.45 41.57 -37.20
CA LEU C 259 -0.69 40.60 -37.99
C LEU C 259 -1.65 39.70 -38.75
N SER C 260 -1.51 39.67 -40.09
CA SER C 260 -2.34 38.82 -40.93
C SER C 260 -1.78 37.40 -40.97
N PRO C 261 -2.63 36.40 -41.06
CA PRO C 261 -2.20 35.01 -40.86
C PRO C 261 -1.74 34.33 -42.15
N SER C 262 -1.09 33.19 -41.95
CA SER C 262 -0.73 32.28 -43.02
C SER C 262 -1.71 31.12 -43.06
N VAL C 263 -2.03 30.65 -44.26
CA VAL C 263 -3.03 29.61 -44.46
C VAL C 263 -2.39 28.45 -45.22
N PHE C 264 -2.67 27.23 -44.77
CA PHE C 264 -2.16 26.03 -45.40
C PHE C 264 -3.26 24.96 -45.43
N LEU C 265 -3.20 24.09 -46.43
CA LEU C 265 -4.16 23.00 -46.59
C LEU C 265 -3.45 21.66 -46.59
N VAL C 266 -3.93 20.76 -45.75
CA VAL C 266 -3.52 19.35 -45.74
C VAL C 266 -4.71 18.52 -46.14
N ARG C 267 -4.52 17.59 -47.08
CA ARG C 267 -5.64 16.84 -47.61
C ARG C 267 -5.36 15.34 -47.59
N ASP C 268 -6.44 14.59 -47.76
CA ASP C 268 -6.43 13.14 -47.94
C ASP C 268 -7.61 12.82 -48.85
N GLN C 269 -8.02 11.55 -48.87
CA GLN C 269 -9.20 11.20 -49.65
C GLN C 269 -10.47 11.66 -48.96
N ASN C 270 -10.48 11.69 -47.63
CA ASN C 270 -11.73 11.84 -46.88
C ASN C 270 -11.80 13.08 -45.98
N ALA C 271 -10.67 13.67 -45.59
CA ALA C 271 -10.73 14.77 -44.64
C ALA C 271 -9.64 15.78 -44.93
N VAL C 272 -10.00 17.06 -44.93
CA VAL C 272 -9.08 18.16 -45.14
C VAL C 272 -9.07 19.04 -43.90
N ALA C 273 -7.89 19.51 -43.51
CA ALA C 273 -7.73 20.43 -42.39
C ALA C 273 -7.10 21.73 -42.89
N CYS C 274 -7.65 22.85 -42.43
CA CYS C 274 -7.19 24.18 -42.83
C CYS C 274 -6.47 24.81 -41.65
N LEU C 275 -5.16 24.99 -41.78
CA LEU C 275 -4.32 25.51 -40.71
C LEU C 275 -4.11 27.01 -40.90
N ILE C 276 -4.47 27.79 -39.89
CA ILE C 276 -4.28 29.24 -39.87
C ILE C 276 -3.34 29.56 -38.72
N ARG C 277 -2.24 30.23 -39.02
CA ARG C 277 -1.15 30.37 -38.06
C ARG C 277 -0.71 31.82 -37.91
N ASN C 278 -0.41 32.20 -36.66
CA ASN C 278 0.26 33.47 -36.32
C ASN C 278 -0.55 34.68 -36.79
N PHE C 279 -1.70 34.87 -36.16
CA PHE C 279 -2.52 36.06 -36.39
C PHE C 279 -2.91 36.70 -35.07
N TYR C 280 -3.23 38.00 -35.16
CA TYR C 280 -3.75 38.80 -34.07
C TYR C 280 -4.39 40.04 -34.68
N PRO C 281 -5.59 40.45 -34.22
CA PRO C 281 -6.37 39.88 -33.12
C PRO C 281 -7.04 38.54 -33.45
N LYS C 282 -7.72 37.97 -32.45
CA LYS C 282 -8.31 36.65 -32.60
C LYS C 282 -9.54 36.64 -33.48
N GLU C 283 -10.14 37.80 -33.75
CA GLU C 283 -11.39 37.86 -34.50
C GLU C 283 -11.12 37.58 -35.98
N LEU C 284 -11.59 36.43 -36.46
CA LEU C 284 -11.56 36.10 -37.88
C LEU C 284 -12.76 35.23 -38.22
N HIS C 285 -12.97 35.05 -39.52
CA HIS C 285 -14.01 34.16 -40.02
C HIS C 285 -13.38 33.18 -41.00
N VAL C 286 -13.64 31.89 -40.78
CA VAL C 286 -13.08 30.83 -41.60
C VAL C 286 -14.23 30.00 -42.14
N SER C 287 -14.31 29.89 -43.46
CA SER C 287 -15.29 29.06 -44.14
C SER C 287 -14.56 28.05 -45.02
N LEU C 288 -15.09 26.83 -45.08
CA LEU C 288 -14.48 25.75 -45.84
C LEU C 288 -15.51 25.25 -46.85
N THR C 289 -15.51 25.87 -48.03
CA THR C 289 -16.46 25.57 -49.08
C THR C 289 -15.92 24.51 -50.03
N SER C 290 -16.82 23.85 -50.75
CA SER C 290 -16.44 22.85 -51.73
C SER C 290 -17.35 22.94 -52.94
N SER C 291 -16.78 22.68 -54.11
CA SER C 291 -17.54 22.65 -55.35
C SER C 291 -17.97 21.21 -55.64
N GLY C 292 -19.27 20.99 -55.79
CA GLY C 292 -19.81 19.68 -56.05
C GLY C 292 -20.22 18.92 -54.81
N THR C 293 -19.25 18.49 -54.00
CA THR C 293 -19.55 17.69 -52.82
C THR C 293 -20.05 18.58 -51.69
N LEU C 294 -20.40 17.95 -50.57
CA LEU C 294 -21.03 18.64 -49.45
C LEU C 294 -20.07 18.77 -48.27
N ILE C 295 -20.21 19.87 -47.55
CA ILE C 295 -19.47 20.01 -46.30
C ILE C 295 -20.38 20.14 -45.09
N SER C 296 -20.81 18.98 -44.55
CA SER C 296 -21.63 18.92 -43.35
C SER C 296 -20.79 18.94 -42.09
N ALA C 297 -19.50 18.68 -42.20
CA ALA C 297 -18.62 18.54 -41.06
C ALA C 297 -17.52 19.59 -41.16
N GLN C 298 -17.65 20.68 -40.40
CA GLN C 298 -16.58 21.68 -40.31
C GLN C 298 -16.77 22.46 -39.02
N ASN C 299 -15.90 22.21 -38.03
CA ASN C 299 -15.93 22.93 -36.77
C ASN C 299 -14.57 23.54 -36.50
N LEU C 300 -14.57 24.76 -35.95
CA LEU C 300 -13.37 25.57 -35.82
C LEU C 300 -12.96 25.72 -34.37
N THR C 301 -11.65 25.65 -34.11
CA THR C 301 -11.08 25.88 -32.79
C THR C 301 -9.79 26.66 -32.93
N LEU C 302 -9.61 27.66 -32.08
CA LEU C 302 -8.40 28.47 -32.06
C LEU C 302 -7.83 28.54 -30.65
N ALA C 303 -6.52 28.72 -30.56
CA ALA C 303 -5.82 28.76 -29.28
C ALA C 303 -4.65 29.72 -29.35
N PRO C 304 -4.47 30.58 -28.34
CA PRO C 304 -3.35 31.53 -28.35
C PRO C 304 -2.03 30.84 -28.04
N MET C 305 -1.01 31.14 -28.84
CA MET C 305 0.30 30.53 -28.67
C MET C 305 1.14 31.29 -27.65
N ALA C 306 2.30 30.74 -27.34
CA ALA C 306 3.24 31.42 -26.44
C ALA C 306 3.90 32.62 -27.10
N THR C 307 3.87 32.69 -28.43
CA THR C 307 4.40 33.83 -29.17
C THR C 307 3.55 35.09 -29.00
N GLY C 308 2.44 35.00 -28.27
CA GLY C 308 1.51 36.11 -28.15
C GLY C 308 0.48 36.18 -29.25
N THR C 309 0.69 35.46 -30.35
CA THR C 309 -0.23 35.44 -31.48
C THR C 309 -1.08 34.18 -31.45
N TYR C 310 -2.26 34.27 -32.03
CA TYR C 310 -3.18 33.15 -32.04
C TYR C 310 -2.89 32.19 -33.19
N SER C 311 -3.45 31.00 -33.10
CA SER C 311 -3.45 30.01 -34.15
C SER C 311 -4.81 29.34 -34.18
N ALA C 312 -5.12 28.66 -35.28
CA ALA C 312 -6.44 28.08 -35.47
C ALA C 312 -6.36 26.89 -36.39
N ILE C 313 -7.35 26.01 -36.26
CA ILE C 313 -7.44 24.79 -37.05
C ILE C 313 -8.90 24.54 -37.41
N HIS C 314 -9.14 24.19 -38.67
CA HIS C 314 -10.49 23.97 -39.20
C HIS C 314 -10.52 22.63 -39.92
N ILE C 315 -10.87 21.57 -39.21
CA ILE C 315 -10.92 20.23 -39.79
C ILE C 315 -12.29 20.02 -40.43
N GLY C 316 -12.33 19.11 -41.40
CA GLY C 316 -13.58 18.83 -42.09
C GLY C 316 -13.51 17.64 -43.03
N ARG C 317 -14.59 16.85 -43.05
CA ARG C 317 -14.66 15.71 -43.95
C ARG C 317 -15.16 16.17 -45.32
N VAL C 318 -14.51 15.65 -46.37
CA VAL C 318 -14.77 16.09 -47.74
C VAL C 318 -14.86 14.86 -48.63
N GLY C 319 -15.39 15.06 -49.82
CA GLY C 319 -15.55 13.97 -50.78
C GLY C 319 -14.22 13.39 -51.22
N GLU C 320 -14.33 12.32 -52.02
CA GLU C 320 -13.15 11.54 -52.41
C GLU C 320 -12.16 12.39 -53.21
N ASN C 321 -12.59 12.87 -54.38
CA ASN C 321 -11.70 13.63 -55.26
C ASN C 321 -12.22 15.03 -55.54
N ASP C 322 -13.29 15.47 -54.87
CA ASP C 322 -13.85 16.78 -55.12
C ASP C 322 -12.95 17.88 -54.59
N ALA C 323 -12.84 18.97 -55.35
CA ALA C 323 -11.97 20.08 -54.97
C ALA C 323 -12.48 20.75 -53.69
N ILE C 324 -11.56 21.41 -53.00
CA ILE C 324 -11.84 22.00 -51.70
C ILE C 324 -11.23 23.40 -51.63
N THR C 325 -11.88 24.29 -50.91
CA THR C 325 -11.45 25.68 -50.79
C THR C 325 -11.66 26.15 -49.35
N CYS C 326 -10.59 26.63 -48.72
CA CYS C 326 -10.64 27.21 -47.39
C CYS C 326 -10.50 28.72 -47.48
N SER C 327 -11.48 29.44 -46.96
CA SER C 327 -11.52 30.89 -47.04
C SER C 327 -11.32 31.50 -45.66
N VAL C 328 -10.36 32.41 -45.54
CA VAL C 328 -10.04 33.08 -44.29
C VAL C 328 -10.19 34.57 -44.49
N LYS C 329 -11.12 35.19 -43.77
CA LYS C 329 -11.30 36.63 -43.75
C LYS C 329 -10.81 37.16 -42.40
N HIS C 330 -9.84 38.06 -42.44
CA HIS C 330 -9.23 38.56 -41.21
C HIS C 330 -8.69 39.97 -41.48
N LEU C 331 -9.29 40.97 -40.83
CA LEU C 331 -8.81 42.35 -40.85
C LEU C 331 -8.78 42.92 -42.26
N GLU C 332 -9.95 42.93 -42.90
CA GLU C 332 -10.13 43.52 -44.23
C GLU C 332 -9.15 42.90 -45.24
N LYS C 333 -8.90 41.60 -45.09
CA LYS C 333 -7.94 40.91 -45.95
C LYS C 333 -8.42 39.46 -46.11
N GLU C 334 -9.18 39.21 -47.16
CA GLU C 334 -9.64 37.86 -47.46
C GLU C 334 -8.55 37.09 -48.17
N ILE C 335 -8.29 35.86 -47.73
CA ILE C 335 -7.27 35.01 -48.31
C ILE C 335 -7.86 33.62 -48.52
N HIS C 336 -7.78 33.11 -49.74
CA HIS C 336 -8.34 31.83 -50.12
C HIS C 336 -7.24 30.87 -50.56
N MET C 337 -7.48 29.58 -50.32
CA MET C 337 -6.59 28.51 -50.78
C MET C 337 -7.43 27.34 -51.26
N SER C 338 -6.97 26.69 -52.33
CA SER C 338 -7.72 25.62 -52.96
C SER C 338 -6.79 24.50 -53.38
N HIS C 339 -7.35 23.28 -53.43
CA HIS C 339 -6.63 22.10 -53.85
C HIS C 339 -7.58 21.24 -54.68
N GLN C 340 -7.17 20.91 -55.90
CA GLN C 340 -8.00 20.10 -56.79
C GLN C 340 -7.53 18.65 -56.82
N GLY D 3 10.70 14.07 -3.25
CA GLY D 3 9.87 14.32 -4.41
C GLY D 3 8.68 13.39 -4.51
N VAL D 4 7.66 13.65 -3.68
CA VAL D 4 6.47 12.81 -3.67
C VAL D 4 5.72 12.96 -4.99
N ALA D 5 5.23 11.84 -5.52
CA ALA D 5 4.49 11.83 -6.76
C ALA D 5 3.26 10.94 -6.61
N LEU D 6 2.09 11.49 -6.95
CA LEU D 6 0.85 10.74 -6.94
C LEU D 6 0.43 10.48 -8.37
N GLU D 7 0.05 9.24 -8.65
CA GLU D 7 -0.38 8.83 -9.98
C GLU D 7 -1.74 8.16 -9.86
N GLN D 8 -2.72 8.67 -10.59
CA GLN D 8 -4.10 8.21 -10.50
C GLN D 8 -4.53 7.62 -11.82
N ARG D 9 -4.84 6.33 -11.82
CA ARG D 9 -5.38 5.60 -12.94
C ARG D 9 -6.71 4.96 -12.53
N PRO D 10 -7.73 4.96 -13.40
CA PRO D 10 -7.69 5.48 -14.77
C PRO D 10 -8.00 6.97 -14.83
N ILE D 11 -8.13 7.48 -16.06
CA ILE D 11 -8.39 8.91 -16.22
C ILE D 11 -9.83 9.25 -15.85
N SER D 12 -10.76 8.33 -16.07
CA SER D 12 -12.16 8.57 -15.82
C SER D 12 -12.86 7.25 -15.55
N ILE D 13 -13.99 7.32 -14.85
CA ILE D 13 -14.83 6.16 -14.57
C ILE D 13 -16.27 6.56 -14.78
N THR D 14 -16.98 5.83 -15.64
CA THR D 14 -18.38 6.10 -15.95
C THR D 14 -19.24 4.93 -15.49
N ARG D 15 -20.29 5.24 -14.73
CA ARG D 15 -21.18 4.23 -14.17
C ARG D 15 -22.60 4.73 -14.20
N ASN D 16 -23.55 3.79 -14.23
CA ASN D 16 -24.94 4.08 -13.96
C ASN D 16 -25.20 3.98 -12.47
N ALA D 17 -26.36 4.47 -12.05
CA ALA D 17 -26.69 4.51 -10.62
C ALA D 17 -26.73 3.10 -10.04
N LYS D 18 -26.45 3.02 -8.74
CA LYS D 18 -26.44 1.79 -7.93
C LYS D 18 -25.28 0.85 -8.27
N GLN D 19 -24.32 1.30 -9.07
CA GLN D 19 -23.12 0.51 -9.34
C GLN D 19 -22.01 0.91 -8.38
N SER D 20 -20.79 0.41 -8.61
CA SER D 20 -19.63 0.72 -7.79
C SER D 20 -18.48 1.18 -8.66
N ALA D 21 -17.51 1.86 -8.03
CA ALA D 21 -16.37 2.42 -8.73
C ALA D 21 -15.11 2.21 -7.91
N SER D 22 -13.99 1.96 -8.59
CA SER D 22 -12.71 1.68 -7.95
C SER D 22 -11.64 2.61 -8.50
N LEU D 23 -10.96 3.32 -7.60
CA LEU D 23 -9.94 4.30 -7.97
C LEU D 23 -8.58 3.93 -7.38
N ASN D 24 -7.53 4.06 -8.19
CA ASN D 24 -6.17 3.73 -7.78
C ASN D 24 -5.33 4.99 -7.60
N CYS D 25 -4.34 4.90 -6.70
CA CYS D 25 -3.42 6.01 -6.45
C CYS D 25 -2.06 5.40 -6.07
N LYS D 26 -1.12 5.43 -7.02
CA LYS D 26 0.23 4.92 -6.81
C LYS D 26 1.15 6.03 -6.32
N ILE D 27 1.85 5.78 -5.21
CA ILE D 27 2.69 6.78 -4.56
C ILE D 27 4.15 6.36 -4.65
N LEU D 28 4.99 7.24 -5.20
CA LEU D 28 6.43 7.06 -5.25
C LEU D 28 7.08 8.05 -4.29
N ASN D 29 8.07 7.56 -3.51
CA ASN D 29 8.76 8.35 -2.49
C ASN D 29 7.77 8.91 -1.47
N PRO D 30 7.05 8.06 -0.72
CA PRO D 30 6.03 8.59 0.19
C PRO D 30 6.65 9.10 1.48
N VAL D 31 6.37 10.35 1.81
CA VAL D 31 6.83 10.93 3.07
C VAL D 31 5.80 10.76 4.18
N SER D 32 4.53 10.97 3.86
CA SER D 32 3.47 10.85 4.85
C SER D 32 2.92 9.44 4.83
N ASP D 33 2.55 8.94 6.01
CA ASP D 33 1.93 7.62 6.10
C ASP D 33 0.45 7.64 5.72
N TYR D 34 -0.09 8.80 5.36
CA TYR D 34 -1.52 8.95 5.13
C TYR D 34 -1.78 9.39 3.70
N VAL D 35 -2.85 8.87 3.13
CA VAL D 35 -3.30 9.23 1.78
C VAL D 35 -4.66 9.87 1.91
N HIS D 36 -4.77 11.11 1.49
CA HIS D 36 -6.02 11.85 1.59
C HIS D 36 -6.73 11.82 0.24
N TRP D 37 -8.05 11.70 0.28
CA TRP D 37 -8.88 11.65 -0.91
C TRP D 37 -9.82 12.84 -0.91
N TYR D 38 -9.59 13.79 -1.80
CA TYR D 38 -10.42 14.97 -1.95
C TYR D 38 -11.36 14.81 -3.15
N ARG D 39 -12.49 15.49 -3.08
CA ARG D 39 -13.48 15.48 -4.15
C ARG D 39 -13.74 16.90 -4.62
N SER D 40 -13.77 17.09 -5.94
CA SER D 40 -14.05 18.39 -6.55
C SER D 40 -15.33 18.27 -7.37
N GLN D 41 -16.36 19.00 -6.97
CA GLN D 41 -17.61 19.02 -7.70
C GLN D 41 -17.93 20.44 -8.18
N GLU D 42 -18.56 20.52 -9.35
CA GLU D 42 -18.88 21.81 -9.94
C GLU D 42 -19.90 22.54 -9.08
N GLY D 43 -19.56 23.74 -8.64
CA GLY D 43 -20.43 24.56 -7.83
C GLY D 43 -20.09 24.56 -6.36
N ARG D 44 -19.39 23.54 -5.89
CA ARG D 44 -19.04 23.41 -4.48
C ARG D 44 -17.52 23.46 -4.32
N ALA D 45 -17.09 23.86 -3.13
CA ALA D 45 -15.67 23.92 -2.85
C ALA D 45 -15.09 22.52 -2.75
N PRO D 46 -13.82 22.33 -3.11
CA PRO D 46 -13.18 21.04 -2.90
C PRO D 46 -13.05 20.72 -1.42
N GLU D 47 -13.28 19.46 -1.08
CA GLU D 47 -13.24 19.01 0.31
C GLU D 47 -12.67 17.60 0.36
N ARG D 48 -12.20 17.21 1.54
CA ARG D 48 -11.65 15.88 1.76
C ARG D 48 -12.74 14.90 2.14
N LEU D 49 -12.69 13.71 1.55
CA LEU D 49 -13.63 12.64 1.84
C LEU D 49 -13.16 11.75 2.98
N LEU D 50 -11.94 11.22 2.86
CA LEU D 50 -11.38 10.36 3.90
C LEU D 50 -9.86 10.45 3.85
N VAL D 51 -9.25 9.94 4.91
CA VAL D 51 -7.79 9.83 5.01
C VAL D 51 -7.46 8.38 5.34
N TYR D 52 -6.62 7.76 4.50
CA TYR D 52 -6.25 6.36 4.63
C TYR D 52 -4.84 6.23 5.19
N SER D 53 -4.68 5.35 6.17
CA SER D 53 -3.38 5.07 6.77
C SER D 53 -2.75 3.88 6.05
N ARG D 54 -1.55 4.09 5.51
CA ARG D 54 -0.84 2.99 4.85
C ARG D 54 -0.40 1.92 5.85
N SER D 55 0.29 2.32 6.91
CA SER D 55 0.87 1.33 7.82
C SER D 55 -0.18 0.66 8.70
N LYS D 56 -1.28 1.34 8.99
CA LYS D 56 -2.35 0.74 9.77
C LYS D 56 -3.45 0.18 8.89
N SER D 57 -3.46 0.52 7.60
CA SER D 57 -4.48 0.05 6.66
C SER D 57 -5.89 0.38 7.14
N GLU D 58 -6.04 1.59 7.68
CA GLU D 58 -7.28 2.02 8.30
C GLU D 58 -7.87 3.16 7.48
N SER D 59 -9.13 3.00 7.06
CA SER D 59 -9.83 4.01 6.29
C SER D 59 -10.74 4.80 7.23
N VAL D 60 -10.51 6.10 7.34
CA VAL D 60 -11.24 6.98 8.24
C VAL D 60 -11.98 8.02 7.40
N PRO D 61 -13.29 7.87 7.23
CA PRO D 61 -14.05 8.90 6.51
C PRO D 61 -14.22 10.15 7.35
N ASP D 62 -14.40 11.27 6.66
CA ASP D 62 -14.57 12.58 7.26
C ASP D 62 -16.03 12.83 7.61
N PRO D 63 -16.32 13.81 8.48
CA PRO D 63 -17.70 14.07 8.87
C PRO D 63 -18.61 14.32 7.67
N GLY D 64 -19.75 13.63 7.65
CA GLY D 64 -20.68 13.71 6.55
C GLY D 64 -20.64 12.53 5.60
N PHE D 65 -19.64 11.66 5.72
CA PHE D 65 -19.48 10.51 4.85
C PHE D 65 -19.45 9.22 5.67
N SER D 66 -20.16 8.21 5.18
CA SER D 66 -20.26 6.94 5.88
C SER D 66 -19.27 5.93 5.31
N ALA D 67 -18.76 5.08 6.19
CA ALA D 67 -17.82 4.04 5.77
C ALA D 67 -18.47 3.03 4.84
N ASP D 68 -19.79 2.91 4.87
CA ASP D 68 -20.55 2.07 3.94
C ASP D 68 -20.71 2.73 2.58
N LYS D 69 -20.11 3.90 2.37
CA LYS D 69 -20.15 4.61 1.11
C LYS D 69 -18.79 4.73 0.46
N VAL D 70 -17.78 5.20 1.20
CA VAL D 70 -16.42 5.32 0.71
C VAL D 70 -15.48 4.63 1.69
N ARG D 71 -14.53 3.86 1.16
CA ARG D 71 -13.58 3.14 1.99
C ARG D 71 -12.35 2.83 1.15
N ALA D 72 -11.17 3.07 1.71
CA ALA D 72 -9.91 2.82 1.01
C ALA D 72 -9.31 1.50 1.46
N TYR D 73 -8.53 0.89 0.56
CA TYR D 73 -7.89 -0.39 0.81
C TYR D 73 -6.45 -0.35 0.29
N LYS D 74 -5.72 -1.44 0.53
CA LYS D 74 -4.36 -1.61 0.04
C LYS D 74 -4.42 -2.19 -1.37
N GLY D 75 -3.64 -1.62 -2.29
CA GLY D 75 -3.72 -2.07 -3.66
C GLY D 75 -2.74 -3.14 -4.10
N ALA D 76 -2.07 -2.93 -5.23
CA ALA D 76 -1.16 -3.96 -5.74
C ALA D 76 0.21 -3.95 -5.07
N ASP D 77 1.03 -2.95 -5.37
CA ASP D 77 2.37 -2.85 -4.80
C ASP D 77 2.44 -1.80 -3.71
N ASP D 78 2.14 -0.55 -4.07
CA ASP D 78 2.10 0.59 -3.16
C ASP D 78 0.90 1.47 -3.48
N THR D 79 -0.17 0.85 -3.97
CA THR D 79 -1.34 1.56 -4.46
C THR D 79 -2.40 1.61 -3.37
N CYS D 80 -2.99 2.79 -3.20
CA CYS D 80 -4.17 2.95 -2.37
C CYS D 80 -5.39 2.92 -3.26
N ARG D 81 -6.35 2.07 -2.91
CA ARG D 81 -7.52 1.79 -3.75
C ARG D 81 -8.76 2.29 -3.04
N LEU D 82 -9.38 3.33 -3.57
CA LEU D 82 -10.61 3.87 -3.00
C LEU D 82 -11.82 3.23 -3.68
N ILE D 83 -12.80 2.83 -2.88
CA ILE D 83 -14.02 2.20 -3.38
C ILE D 83 -15.20 3.07 -3.01
N VAL D 84 -15.99 3.46 -4.00
CA VAL D 84 -17.22 4.22 -3.80
C VAL D 84 -18.39 3.33 -4.17
N SER D 85 -19.24 3.03 -3.19
CA SER D 85 -20.30 2.05 -3.35
C SER D 85 -21.66 2.73 -3.43
N ASP D 86 -22.61 2.02 -4.01
CA ASP D 86 -24.00 2.49 -4.18
C ASP D 86 -24.03 3.86 -4.82
N LEU D 87 -23.54 3.93 -6.06
CA LEU D 87 -23.34 5.22 -6.72
C LEU D 87 -24.67 5.89 -7.02
N GLN D 88 -24.77 7.16 -6.64
CA GLN D 88 -25.85 8.05 -7.06
C GLN D 88 -25.29 9.13 -7.97
N VAL D 89 -26.19 9.86 -8.62
CA VAL D 89 -25.75 10.93 -9.52
C VAL D 89 -24.98 12.00 -8.75
N SER D 90 -25.35 12.24 -7.49
CA SER D 90 -24.69 13.24 -6.67
C SER D 90 -23.28 12.83 -6.26
N ASP D 91 -22.79 11.67 -6.69
CA ASP D 91 -21.42 11.26 -6.44
C ASP D 91 -20.46 11.69 -7.55
N SER D 92 -20.98 12.25 -8.64
CA SER D 92 -20.13 12.64 -9.74
C SER D 92 -19.18 13.75 -9.33
N GLY D 93 -17.94 13.66 -9.79
CA GLY D 93 -16.95 14.68 -9.47
C GLY D 93 -15.56 14.20 -9.86
N VAL D 94 -14.58 15.01 -9.48
CA VAL D 94 -13.17 14.72 -9.72
C VAL D 94 -12.53 14.39 -8.39
N TYR D 95 -12.00 13.17 -8.28
CA TYR D 95 -11.44 12.66 -7.04
C TYR D 95 -9.90 12.70 -7.13
N HIS D 96 -9.29 13.47 -6.23
CA HIS D 96 -7.84 13.57 -6.15
C HIS D 96 -7.35 12.90 -4.88
N CYS D 97 -6.27 12.11 -5.00
CA CYS D 97 -5.57 11.64 -3.82
C CYS D 97 -4.42 12.60 -3.52
N ALA D 98 -4.11 12.73 -2.23
CA ALA D 98 -3.15 13.73 -1.79
C ALA D 98 -2.33 13.21 -0.63
N SER D 99 -1.11 13.71 -0.52
CA SER D 99 -0.19 13.35 0.55
C SER D 99 0.54 14.58 1.01
N TRP D 100 0.75 14.70 2.32
CA TRP D 100 1.52 15.80 2.86
C TRP D 100 2.99 15.64 2.52
N ASP D 101 3.65 16.76 2.20
CA ASP D 101 5.10 16.81 2.03
C ASP D 101 5.64 17.97 2.87
N GLY D 102 5.41 17.87 4.18
CA GLY D 102 5.74 18.94 5.10
C GLY D 102 4.68 20.01 5.17
N ARG D 103 4.97 21.20 4.66
CA ARG D 103 4.00 22.29 4.71
C ARG D 103 3.13 22.35 3.47
N VAL D 104 3.53 21.70 2.38
CA VAL D 104 2.78 21.70 1.14
C VAL D 104 2.13 20.33 0.96
N LYS D 105 0.96 20.32 0.36
CA LYS D 105 0.21 19.09 0.12
C LYS D 105 0.22 18.81 -1.38
N VAL D 106 0.62 17.60 -1.75
CA VAL D 106 0.78 17.21 -3.14
C VAL D 106 -0.44 16.41 -3.57
N PHE D 107 -0.93 16.68 -4.78
CA PHE D 107 -2.15 16.07 -5.28
C PHE D 107 -1.87 15.29 -6.56
N GLY D 108 -2.75 14.34 -6.84
CA GLY D 108 -2.75 13.66 -8.12
C GLY D 108 -3.56 14.41 -9.16
N GLU D 109 -3.41 13.99 -10.42
CA GLU D 109 -4.11 14.65 -11.51
C GLU D 109 -5.62 14.40 -11.47
N GLY D 110 -6.06 13.38 -10.74
CA GLY D 110 -7.47 13.15 -10.50
C GLY D 110 -8.09 12.14 -11.45
N THR D 111 -9.23 11.61 -11.02
CA THR D 111 -10.05 10.71 -11.81
C THR D 111 -11.49 11.21 -11.75
N ARG D 112 -12.08 11.47 -12.91
CA ARG D 112 -13.45 11.96 -12.95
C ARG D 112 -14.42 10.78 -12.87
N LEU D 113 -15.32 10.84 -11.90
CA LEU D 113 -16.38 9.85 -11.75
C LEU D 113 -17.67 10.42 -12.32
N ILE D 114 -18.24 9.72 -13.30
CA ILE D 114 -19.47 10.15 -13.95
C ILE D 114 -20.55 9.13 -13.65
N VAL D 115 -21.59 9.57 -12.92
CA VAL D 115 -22.72 8.71 -12.60
C VAL D 115 -23.96 9.36 -13.21
N THR D 116 -24.46 8.76 -14.29
CA THR D 116 -25.65 9.25 -14.98
C THR D 116 -26.70 8.15 -15.02
N GLU D 117 -27.96 8.55 -14.91
CA GLU D 117 -29.09 7.62 -15.03
C GLU D 117 -29.46 7.33 -16.48
N SER D 118 -28.59 7.64 -17.43
CA SER D 118 -28.85 7.46 -18.85
C SER D 118 -27.97 6.34 -19.40
N ALA D 119 -28.50 5.63 -20.39
CA ALA D 119 -27.73 4.57 -21.05
C ALA D 119 -26.61 5.17 -21.89
N PHE D 120 -25.42 4.58 -21.78
CA PHE D 120 -24.26 5.07 -22.51
C PHE D 120 -23.46 3.91 -23.09
N LYS D 121 -22.65 4.25 -24.11
CA LYS D 121 -21.78 3.32 -24.80
C LYS D 121 -20.36 3.86 -24.75
N LYS D 122 -19.45 3.10 -24.15
CA LYS D 122 -18.03 3.50 -24.07
C LYS D 122 -17.34 3.23 -25.40
N LYS D 123 -17.06 4.30 -26.16
CA LYS D 123 -16.29 4.16 -27.39
C LYS D 123 -14.94 4.88 -27.26
N PRO D 124 -13.89 4.33 -27.88
CA PRO D 124 -12.54 4.90 -27.73
C PRO D 124 -12.29 5.99 -28.75
N PRO D 125 -11.25 6.82 -28.55
CA PRO D 125 -10.94 7.86 -29.53
C PRO D 125 -10.41 7.28 -30.83
N LYS D 126 -10.80 7.91 -31.94
CA LYS D 126 -10.33 7.53 -33.27
C LYS D 126 -9.33 8.58 -33.73
N PRO D 127 -8.04 8.29 -33.76
CA PRO D 127 -7.05 9.34 -34.07
C PRO D 127 -6.90 9.58 -35.56
N ILE D 128 -6.76 10.86 -35.92
CA ILE D 128 -6.36 11.29 -37.24
C ILE D 128 -5.19 12.26 -37.08
N PHE D 129 -4.12 12.05 -37.82
CA PHE D 129 -2.93 12.87 -37.71
C PHE D 129 -2.73 13.68 -38.98
N PHE D 130 -2.16 14.87 -38.81
CA PHE D 130 -1.78 15.73 -39.94
C PHE D 130 -0.34 16.17 -39.77
N LEU D 131 0.50 15.84 -40.75
CA LEU D 131 1.90 16.21 -40.75
C LEU D 131 2.09 17.56 -41.43
N PRO D 132 3.17 18.28 -41.11
CA PRO D 132 3.39 19.58 -41.74
C PRO D 132 3.67 19.45 -43.24
N THR D 133 3.18 20.43 -44.00
CA THR D 133 3.39 20.46 -45.43
C THR D 133 4.72 21.12 -45.76
N SER D 134 5.26 20.77 -46.92
CA SER D 134 6.51 21.38 -47.36
C SER D 134 6.36 22.87 -47.56
N GLU D 135 5.15 23.32 -47.96
CA GLU D 135 4.91 24.75 -48.10
C GLU D 135 5.09 25.46 -46.76
N GLU D 136 4.62 24.86 -45.68
CA GLU D 136 4.77 25.46 -44.35
C GLU D 136 6.23 25.50 -43.93
N ILE D 137 6.97 24.41 -44.18
CA ILE D 137 8.38 24.39 -43.83
C ILE D 137 9.16 25.43 -44.64
N LYS D 138 8.70 25.71 -45.87
CA LYS D 138 9.36 26.73 -46.67
C LYS D 138 9.05 28.13 -46.17
N GLN D 139 7.76 28.42 -45.94
CA GLN D 139 7.34 29.78 -45.66
C GLN D 139 7.58 30.19 -44.23
N LYS D 140 7.54 29.26 -43.28
CA LYS D 140 7.59 29.60 -41.87
C LYS D 140 8.83 29.05 -41.16
N GLN D 141 9.64 28.23 -41.84
CA GLN D 141 10.82 27.62 -41.23
C GLN D 141 10.47 26.86 -39.97
N SER D 142 9.29 26.25 -39.95
CA SER D 142 8.77 25.52 -38.81
C SER D 142 7.59 24.68 -39.28
N GLY D 143 7.42 23.52 -38.65
CA GLY D 143 6.36 22.59 -39.00
C GLY D 143 5.34 22.46 -37.87
N THR D 144 4.10 22.16 -38.25
CA THR D 144 3.00 22.02 -37.29
C THR D 144 2.38 20.64 -37.44
N TYR D 145 2.42 19.86 -36.37
CA TYR D 145 1.74 18.56 -36.34
C TYR D 145 0.35 18.74 -35.73
N ILE D 146 -0.62 18.06 -36.32
CA ILE D 146 -2.02 18.15 -35.89
C ILE D 146 -2.55 16.74 -35.62
N CYS D 147 -3.26 16.59 -34.50
CA CYS D 147 -3.88 15.33 -34.13
C CYS D 147 -5.32 15.58 -33.72
N LEU D 148 -6.24 14.85 -34.33
CA LEU D 148 -7.67 14.96 -34.05
C LEU D 148 -8.16 13.64 -33.48
N LEU D 149 -8.56 13.64 -32.21
CA LEU D 149 -9.21 12.50 -31.60
C LEU D 149 -10.72 12.72 -31.70
N GLU D 150 -11.42 11.82 -32.39
CA GLU D 150 -12.83 12.00 -32.66
C GLU D 150 -13.65 10.79 -32.22
N ASP D 151 -14.91 11.05 -31.89
CA ASP D 151 -15.91 10.02 -31.61
C ASP D 151 -15.48 9.11 -30.46
N PHE D 152 -15.31 9.71 -29.29
CA PHE D 152 -15.06 8.95 -28.07
C PHE D 152 -16.05 9.35 -26.99
N PHE D 153 -16.33 8.40 -26.10
CA PHE D 153 -17.18 8.65 -24.94
C PHE D 153 -16.62 7.82 -23.79
N PRO D 154 -16.51 8.40 -22.59
CA PRO D 154 -16.95 9.75 -22.23
C PRO D 154 -16.04 10.86 -22.73
N ASN D 155 -16.40 12.10 -22.42
CA ASN D 155 -15.69 13.28 -22.90
C ASN D 155 -14.53 13.65 -21.99
N VAL D 156 -13.66 12.69 -21.70
CA VAL D 156 -12.50 12.89 -20.84
C VAL D 156 -11.29 12.25 -21.51
N VAL D 157 -10.30 13.06 -21.88
CA VAL D 157 -9.08 12.58 -22.51
C VAL D 157 -7.89 13.36 -21.97
N LYS D 158 -6.70 12.75 -22.06
CA LYS D 158 -5.46 13.41 -21.65
C LYS D 158 -4.40 13.15 -22.70
N THR D 159 -3.93 14.21 -23.37
CA THR D 159 -2.99 14.09 -24.47
C THR D 159 -1.74 14.94 -24.22
N TYR D 160 -0.61 14.49 -24.78
CA TYR D 160 0.65 15.21 -24.70
C TYR D 160 1.63 14.64 -25.72
N TRP D 161 2.69 15.40 -26.02
CA TRP D 161 3.71 15.06 -27.01
C TRP D 161 5.09 14.82 -26.38
N LYS D 162 5.86 13.93 -27.02
CA LYS D 162 7.24 13.64 -26.67
C LYS D 162 8.05 13.47 -27.96
N GLU D 163 9.37 13.56 -27.85
CA GLU D 163 10.25 13.51 -29.02
C GLU D 163 11.25 12.35 -29.02
N ASP D 164 10.86 11.16 -28.55
CA ASP D 164 11.78 10.01 -28.48
C ASP D 164 13.13 10.37 -27.87
N GLY D 165 13.21 10.56 -26.56
CA GLY D 165 14.42 10.99 -25.90
C GLY D 165 14.24 12.25 -25.08
N ASN D 166 13.15 12.98 -25.33
CA ASN D 166 12.88 14.21 -24.60
C ASN D 166 12.60 13.92 -23.13
N SER D 167 11.84 12.86 -22.86
CA SER D 167 11.47 12.42 -21.51
C SER D 167 10.99 13.56 -20.62
N GLN D 168 10.39 14.57 -21.23
CA GLN D 168 9.63 15.62 -20.56
C GLN D 168 8.66 16.20 -21.57
N PRO D 169 7.35 15.97 -21.39
CA PRO D 169 6.39 16.34 -22.44
C PRO D 169 6.37 17.83 -22.77
N LEU D 170 6.15 18.12 -24.04
CA LEU D 170 6.19 19.48 -24.59
C LEU D 170 4.90 20.24 -24.31
N ASP D 171 4.95 21.55 -24.60
CA ASP D 171 3.83 22.47 -24.46
C ASP D 171 3.18 22.70 -25.82
N ALA D 172 1.97 22.18 -26.00
CA ALA D 172 1.21 22.27 -27.25
C ALA D 172 -0.08 23.07 -27.03
N GLN D 173 -0.85 23.23 -28.11
CA GLN D 173 -2.12 23.95 -28.07
C GLN D 173 -3.27 22.95 -28.15
N PHE D 174 -4.24 23.11 -27.26
CA PHE D 174 -5.37 22.18 -27.14
C PHE D 174 -6.70 22.89 -27.36
N GLY D 175 -7.57 22.26 -28.13
CA GLY D 175 -8.93 22.73 -28.28
C GLY D 175 -9.82 22.15 -27.21
N PRO D 176 -11.03 22.69 -27.08
CA PRO D 176 -11.97 22.16 -26.07
C PRO D 176 -12.51 20.80 -26.47
N ILE D 177 -13.04 20.09 -25.48
CA ILE D 177 -13.69 18.81 -25.73
C ILE D 177 -15.10 19.13 -26.22
N THR D 178 -15.29 19.13 -27.53
CA THR D 178 -16.58 19.41 -28.16
C THR D 178 -17.27 18.11 -28.55
N GLY D 179 -18.57 18.20 -28.74
CA GLY D 179 -19.35 17.04 -29.11
C GLY D 179 -20.64 16.98 -28.32
N GLY D 180 -21.28 15.82 -28.39
CA GLY D 180 -22.56 15.59 -27.76
C GLY D 180 -22.69 14.13 -27.40
N GLY D 181 -23.84 13.78 -26.83
CA GLY D 181 -24.09 12.44 -26.30
C GLY D 181 -23.50 11.27 -27.07
N ASN D 182 -22.61 10.55 -26.39
CA ASN D 182 -21.94 9.35 -26.89
C ASN D 182 -21.03 9.62 -28.10
N SER D 183 -20.67 10.87 -28.37
CA SER D 183 -19.70 11.16 -29.43
C SER D 183 -19.04 12.49 -29.12
N TYR D 184 -17.75 12.46 -28.76
CA TYR D 184 -16.99 13.67 -28.47
C TYR D 184 -15.67 13.66 -29.24
N SER D 185 -15.15 14.85 -29.49
CA SER D 185 -13.94 15.02 -30.26
C SER D 185 -13.06 16.07 -29.60
N GLN D 186 -11.76 15.99 -29.87
CA GLN D 186 -10.80 16.97 -29.38
C GLN D 186 -9.69 17.16 -30.41
N VAL D 187 -9.24 18.40 -30.57
CA VAL D 187 -8.15 18.72 -31.48
C VAL D 187 -6.98 19.25 -30.65
N SER D 188 -5.77 18.94 -31.10
CA SER D 188 -4.56 19.43 -30.45
C SER D 188 -3.46 19.48 -31.50
N TRP D 189 -2.64 20.53 -31.46
CA TRP D 189 -1.55 20.69 -32.41
C TRP D 189 -0.31 21.23 -31.73
N LEU D 190 0.84 20.92 -32.32
CA LEU D 190 2.15 21.30 -31.79
C LEU D 190 3.01 21.82 -32.92
N THR D 191 3.55 23.03 -32.76
CA THR D 191 4.43 23.64 -33.74
C THR D 191 5.87 23.60 -33.23
N VAL D 192 6.80 23.14 -34.08
CA VAL D 192 8.21 23.08 -33.75
C VAL D 192 9.01 23.66 -34.92
N LYS D 193 10.19 24.19 -34.62
CA LYS D 193 10.98 24.94 -35.60
C LYS D 193 11.94 24.05 -36.38
N GLU D 194 12.66 24.67 -37.31
CA GLU D 194 13.68 24.00 -38.10
C GLU D 194 14.92 23.72 -37.26
N ASP D 195 15.74 22.79 -37.77
CA ASP D 195 17.01 22.34 -37.19
C ASP D 195 16.76 21.50 -35.94
N VAL D 196 15.52 21.56 -35.44
CA VAL D 196 15.04 20.63 -34.44
C VAL D 196 13.89 19.77 -34.96
N LEU D 197 13.29 20.14 -36.09
CA LEU D 197 12.27 19.34 -36.74
C LEU D 197 12.86 18.02 -37.22
N ARG D 198 11.97 17.07 -37.53
CA ARG D 198 12.39 15.72 -37.91
C ARG D 198 13.25 15.11 -36.81
N LYS D 199 12.68 15.04 -35.62
CA LYS D 199 13.39 14.53 -34.45
C LYS D 199 12.71 13.31 -33.82
N ASN D 200 12.12 12.43 -34.65
CA ASN D 200 11.49 11.21 -34.14
C ASN D 200 10.42 11.54 -33.08
N LEU D 201 9.29 12.06 -33.54
CA LEU D 201 8.29 12.46 -32.56
C LEU D 201 7.35 11.32 -32.19
N THR D 202 6.70 11.46 -31.03
CA THR D 202 5.75 10.49 -30.52
C THR D 202 4.64 11.20 -29.75
N TYR D 203 3.44 10.63 -29.80
CA TYR D 203 2.22 11.23 -29.27
C TYR D 203 1.51 10.28 -28.33
N PHE D 204 1.06 10.79 -27.17
CA PHE D 204 0.39 9.99 -26.17
C PHE D 204 -1.03 10.51 -25.93
N TYR D 205 -1.97 9.60 -25.68
CA TYR D 205 -3.32 9.98 -25.30
C TYR D 205 -3.94 8.88 -24.44
N GLN D 206 -4.63 9.30 -23.38
CA GLN D 206 -5.29 8.39 -22.44
C GLN D 206 -6.81 8.59 -22.48
N HIS D 207 -7.55 7.48 -22.52
CA HIS D 207 -8.99 7.49 -22.45
C HIS D 207 -9.44 6.32 -21.59
N GLU D 208 -10.68 6.41 -21.09
CA GLU D 208 -11.19 5.36 -20.21
C GLU D 208 -11.30 4.03 -20.95
N ASP D 209 -11.74 4.06 -22.21
CA ASP D 209 -11.85 2.86 -23.02
C ASP D 209 -10.49 2.40 -23.57
N LEU D 210 -9.41 3.01 -23.10
CA LEU D 210 -8.06 2.62 -23.47
C LEU D 210 -7.35 1.85 -22.36
N GLY D 211 -8.02 1.66 -21.22
CA GLY D 211 -7.40 1.03 -20.08
C GLY D 211 -6.81 2.08 -19.15
N MET D 212 -5.76 1.72 -18.43
CA MET D 212 -5.10 2.68 -17.55
C MET D 212 -3.80 3.24 -18.12
N GLU D 213 -3.18 2.55 -19.06
CA GLU D 213 -1.94 3.01 -19.67
C GLU D 213 -2.21 3.88 -20.89
N PRO D 214 -1.33 4.84 -21.16
CA PRO D 214 -1.53 5.69 -22.33
C PRO D 214 -1.17 4.96 -23.62
N LYS D 215 -1.85 5.35 -24.69
CA LYS D 215 -1.54 4.86 -26.03
C LYS D 215 -0.52 5.76 -26.67
N ALA D 216 0.47 5.16 -27.34
CA ALA D 216 1.56 5.88 -27.95
C ALA D 216 1.57 5.68 -29.45
N PHE D 217 1.88 6.75 -30.18
CA PHE D 217 1.99 6.71 -31.63
C PHE D 217 3.25 7.47 -32.02
N SER D 218 4.18 6.80 -32.70
CA SER D 218 5.44 7.40 -33.13
C SER D 218 5.49 7.48 -34.65
N ILE D 219 6.08 8.57 -35.15
CA ILE D 219 6.36 8.70 -36.58
C ILE D 219 7.73 9.33 -36.78
C1 NAG E . 25.25 3.17 23.31
C2 NAG E . 26.15 2.15 24.03
C3 NAG E . 27.63 2.44 23.76
C4 NAG E . 27.89 2.57 22.27
C5 NAG E . 26.89 3.52 21.61
C6 NAG E . 27.00 3.53 20.11
C7 NAG E . 25.96 2.91 26.44
C8 NAG E . 26.43 4.31 26.09
N2 NAG E . 25.86 2.00 25.46
O3 NAG E . 28.42 1.38 24.30
O4 NAG E . 29.20 3.08 22.06
O5 NAG E . 25.53 3.15 21.93
O6 NAG E . 26.61 2.28 19.55
O7 NAG E . 25.67 2.62 27.60
C1 NAG E . 29.97 2.25 21.17
C2 NAG E . 31.25 3.01 20.80
C3 NAG E . 32.17 2.17 19.90
C4 NAG E . 32.33 0.73 20.43
C5 NAG E . 30.99 0.14 20.89
C6 NAG E . 31.14 -1.16 21.65
C7 NAG E . 30.40 4.67 19.07
C8 NAG E . 29.92 3.54 18.18
N2 NAG E . 31.00 4.33 20.24
O3 NAG E . 33.45 2.80 19.82
O4 NAG E . 32.82 -0.04 19.34
O5 NAG E . 30.31 1.05 21.76
O6 NAG E . 29.99 -1.43 22.43
O7 NAG E . 30.27 5.84 18.74
C1 BMA E . 33.87 -0.99 19.66
C2 BMA E . 33.34 -2.35 19.16
C3 BMA E . 34.40 -3.43 19.33
C4 BMA E . 35.74 -2.99 18.73
C5 BMA E . 36.16 -1.63 19.31
C6 BMA E . 37.45 -1.10 18.71
O2 BMA E . 33.05 -2.29 17.77
O3 BMA E . 33.99 -4.67 18.76
O4 BMA E . 36.73 -3.96 19.02
O5 BMA E . 35.12 -0.66 19.06
O6 BMA E . 37.37 -1.25 17.29
C1 NAG F . 8.99 -22.15 -17.04
C2 NAG F . 10.15 -23.15 -16.90
C3 NAG F . 9.63 -24.59 -16.92
C4 NAG F . 8.50 -24.78 -15.93
C5 NAG F . 7.41 -23.74 -16.15
C6 NAG F . 6.30 -23.81 -15.14
C7 NAG F . 12.40 -23.37 -17.84
C8 NAG F . 13.29 -23.07 -19.02
N2 NAG F . 11.15 -22.95 -17.94
O3 NAG F . 10.69 -25.49 -16.63
O4 NAG F . 7.93 -26.08 -16.05
O5 NAG F . 7.99 -22.42 -16.05
O6 NAG F . 5.69 -25.10 -15.14
O7 NAG F . 12.82 -23.97 -16.85
C1 NAG G . 42.32 -21.70 -15.80
C2 NAG G . 43.72 -21.69 -15.22
C3 NAG G . 44.72 -22.25 -16.22
C4 NAG G . 44.28 -23.64 -16.69
C5 NAG G . 42.84 -23.59 -17.20
C6 NAG G . 42.28 -24.96 -17.54
C7 NAG G . 44.80 -20.08 -13.70
C8 NAG G . 45.10 -18.63 -13.45
N2 NAG G . 44.11 -20.34 -14.82
O3 NAG G . 46.01 -22.33 -15.62
O4 NAG G . 45.12 -24.10 -17.72
O5 NAG G . 41.98 -23.04 -16.19
O6 NAG G . 42.38 -25.21 -18.93
O7 NAG G . 45.17 -20.97 -12.94
C1 NAG H . -19.77 20.72 -34.67
C2 NAG H . -20.20 19.31 -35.03
C3 NAG H . -21.72 19.24 -35.15
C4 NAG H . -22.36 19.74 -33.86
C5 NAG H . -21.82 21.12 -33.46
C6 NAG H . -22.28 21.55 -32.10
C7 NAG H . -18.35 18.30 -36.28
C8 NAG H . -17.83 17.89 -37.62
N2 NAG H . -19.56 18.86 -36.25
O3 NAG H . -22.12 17.90 -35.41
O4 NAG H . -23.78 19.84 -34.03
O5 NAG H . -20.38 21.10 -33.43
O6 NAG H . -21.70 20.74 -31.07
O7 NAG H . -17.70 18.13 -35.25
C1 NAG I . 4.54 27.54 10.68
C2 NAG I . 5.90 27.56 9.97
C3 NAG I . 6.87 26.59 10.65
C4 NAG I . 6.91 26.82 12.16
C5 NAG I . 5.50 26.87 12.75
C6 NAG I . 5.49 27.27 14.20
C7 NAG I . 5.40 26.26 7.84
C8 NAG I . 4.90 25.08 8.63
N2 NAG I . 5.83 27.35 8.53
O3 NAG I . 8.17 26.73 10.09
O4 NAG I . 7.64 25.76 12.79
O5 NAG I . 4.71 27.85 12.05
O6 NAG I . 5.18 28.64 14.36
O7 NAG I . 5.42 26.24 6.62
C1 NAG J . 15.68 8.90 -35.26
C2 NAG J . 16.76 9.86 -35.82
C3 NAG J . 18.06 9.11 -36.16
C4 NAG J . 18.50 8.19 -35.03
C5 NAG J . 17.36 7.25 -34.72
C6 NAG J . 17.67 6.28 -33.59
C7 NAG J . 15.80 11.79 -37.03
C8 NAG J . 15.35 12.29 -38.36
N2 NAG J . 16.27 10.53 -37.02
O3 NAG J . 19.09 10.06 -36.43
O4 NAG J . 19.64 7.44 -35.42
O5 NAG J . 16.25 8.03 -34.27
O6 NAG J . 18.94 5.67 -33.79
O7 NAG J . 15.73 12.47 -36.01
#